data_8JBI
#
_entry.id   8JBI
#
_cell.length_a   56.998
_cell.length_b   92.880
_cell.length_c   88.838
_cell.angle_alpha   90.00
_cell.angle_beta   107.82
_cell.angle_gamma   90.00
#
_symmetry.space_group_name_H-M   'P 1 21 1'
#
loop_
_entity.id
_entity.type
_entity.pdbx_description
1 polymer 'Secreted effector kinase SteC'
2 non-polymer 'ADENOSINE MONOPHOSPHATE'
3 non-polymer 'MAGNESIUM ION'
4 water water
#
_entity_poly.entity_id   1
_entity_poly.type   'polypeptide(L)'
_entity_poly.pdbx_seq_one_letter_code
;GAIDQTDASQPAAIEAFINSPEFQKNIRMRDIEKNKIGSGSYGTVYRLHDDFVVKIPVNERGIKVDVNSPEHRNSHPDRV
SKYLNMANDDKNFSRSAIMNINGKDVTVLVSKYIQGQEFDVEDEDNYRMAEALLKSRGVYMHDINILGNILVKEGVLFFV
DGDQIVLSQESRQQ
;
_entity_poly.pdbx_strand_id   D,A,B,C
#
loop_
_chem_comp.id
_chem_comp.type
_chem_comp.name
_chem_comp.formula
AMP non-polymer 'ADENOSINE MONOPHOSPHATE' 'C10 H14 N5 O7 P'
MG non-polymer 'MAGNESIUM ION' 'Mg 2'
#
# COMPACT_ATOMS: atom_id res chain seq x y z
N PRO A 11 13.38 33.72 -22.45
CA PRO A 11 13.01 32.79 -23.52
C PRO A 11 13.15 31.35 -23.03
N ALA A 12 13.19 31.13 -21.72
CA ALA A 12 13.43 29.78 -21.18
C ALA A 12 12.27 28.84 -21.48
N ALA A 13 12.60 27.65 -21.96
CA ALA A 13 11.55 26.68 -22.32
C ALA A 13 10.57 26.38 -21.17
N ILE A 14 11.07 26.42 -19.95
CA ILE A 14 10.22 26.14 -18.79
C ILE A 14 9.25 27.29 -18.47
N GLU A 15 9.71 28.52 -18.61
CA GLU A 15 8.87 29.70 -18.37
C GLU A 15 7.85 29.85 -19.49
N ALA A 16 8.29 29.57 -20.72
CA ALA A 16 7.42 29.56 -21.89
C ALA A 16 6.23 28.64 -21.67
N PHE A 17 6.52 27.41 -21.26
CA PHE A 17 5.47 26.43 -20.98
C PHE A 17 4.54 26.89 -19.87
N ILE A 18 5.11 27.49 -18.83
CA ILE A 18 4.32 27.99 -17.71
C ILE A 18 3.42 29.13 -18.16
N ASN A 19 3.94 29.96 -19.04
CA ASN A 19 3.18 31.07 -19.60
C ASN A 19 2.28 30.69 -20.78
N SER A 20 2.42 29.47 -21.30
CA SER A 20 1.54 28.99 -22.35
C SER A 20 0.08 28.91 -21.89
N PRO A 21 -0.87 29.07 -22.84
CA PRO A 21 -2.31 29.00 -22.53
C PRO A 21 -2.71 27.60 -22.10
N GLU A 22 -1.94 26.61 -22.54
CA GLU A 22 -2.17 25.21 -22.19
C GLU A 22 -2.03 25.01 -20.69
N PHE A 23 -1.21 25.85 -20.08
CA PHE A 23 -0.86 25.73 -18.67
C PHE A 23 -1.76 26.57 -17.76
N GLN A 24 -2.03 27.81 -18.16
CA GLN A 24 -2.76 28.72 -17.29
C GLN A 24 -4.26 28.80 -17.51
N LYS A 25 -4.79 27.96 -18.41
CA LYS A 25 -6.24 27.84 -18.54
C LYS A 25 -6.76 27.07 -17.32
N ASN A 26 -8.05 27.21 -17.05
CA ASN A 26 -8.62 26.54 -15.86
C ASN A 26 -8.47 25.05 -16.07
N ILE A 27 -7.65 24.41 -15.26
CA ILE A 27 -7.38 22.98 -15.50
C ILE A 27 -8.40 22.17 -14.73
N ARG A 28 -8.91 21.11 -15.36
CA ARG A 28 -9.74 20.22 -14.56
C ARG A 28 -9.21 18.78 -14.57
N MET A 29 -9.12 18.21 -13.37
CA MET A 29 -8.41 16.96 -13.11
C MET A 29 -8.76 15.81 -14.04
N ARG A 30 -9.98 15.82 -14.56
CA ARG A 30 -10.53 14.70 -15.31
C ARG A 30 -9.77 14.47 -16.62
N ASP A 31 -9.37 15.56 -17.27
CA ASP A 31 -8.85 15.50 -18.62
C ASP A 31 -7.36 15.14 -18.73
N ILE A 32 -6.68 15.10 -17.58
CA ILE A 32 -5.25 14.84 -17.57
C ILE A 32 -4.91 13.48 -16.95
N GLU A 33 -5.94 12.77 -16.48
CA GLU A 33 -5.79 11.46 -15.86
C GLU A 33 -4.96 10.48 -16.71
N LYS A 34 -5.05 10.64 -18.03
CA LYS A 34 -4.28 9.80 -18.95
C LYS A 34 -2.79 10.17 -18.97
N ASN A 35 -2.43 11.31 -18.40
CA ASN A 35 -1.05 11.78 -18.36
C ASN A 35 -0.29 11.37 -17.10
N LYS A 36 -1.01 10.78 -16.15
CA LYS A 36 -0.42 10.40 -14.88
C LYS A 36 0.70 9.38 -15.06
N ILE A 37 1.84 9.64 -14.43
CA ILE A 37 2.97 8.73 -14.50
C ILE A 37 3.37 8.23 -13.12
N GLY A 38 3.00 8.98 -12.10
CA GLY A 38 3.32 8.62 -10.73
C GLY A 38 2.41 9.31 -9.72
N SER A 39 2.29 8.71 -8.54
CA SER A 39 1.47 9.26 -7.46
C SER A 39 1.84 8.63 -6.11
N GLY A 40 1.72 9.41 -5.04
CA GLY A 40 2.00 8.95 -3.70
C GLY A 40 1.42 9.92 -2.70
N SER A 41 1.72 9.73 -1.41
CA SER A 41 1.20 10.60 -0.35
C SER A 41 1.50 12.07 -0.63
N TYR A 42 2.70 12.30 -1.16
CA TYR A 42 3.22 13.63 -1.46
C TYR A 42 2.33 14.42 -2.42
N GLY A 43 1.82 13.74 -3.45
CA GLY A 43 1.11 14.39 -4.53
C GLY A 43 1.10 13.53 -5.80
N THR A 44 0.95 14.17 -6.96
CA THR A 44 0.84 13.42 -8.21
C THR A 44 1.54 14.14 -9.37
N VAL A 45 2.38 13.41 -10.10
CA VAL A 45 3.10 13.96 -11.23
C VAL A 45 2.46 13.58 -12.57
N TYR A 46 2.18 14.59 -13.38
CA TYR A 46 1.59 14.40 -14.71
C TYR A 46 2.55 14.93 -15.74
N ARG A 47 2.62 14.25 -16.88
CA ARG A 47 3.37 14.75 -18.02
C ARG A 47 2.46 15.56 -18.92
N LEU A 48 2.45 16.88 -18.70
CA LEU A 48 1.52 17.80 -19.35
C LEU A 48 2.12 18.45 -20.58
N HIS A 49 3.33 18.04 -20.91
CA HIS A 49 4.00 18.50 -22.11
C HIS A 49 5.04 17.43 -22.42
N ASP A 50 5.52 17.38 -23.65
CA ASP A 50 6.49 16.37 -24.01
C ASP A 50 7.82 16.62 -23.29
N ASP A 51 8.03 17.85 -22.85
CA ASP A 51 9.27 18.20 -22.17
C ASP A 51 9.15 18.51 -20.67
N PHE A 52 7.94 18.54 -20.13
CA PHE A 52 7.79 18.91 -18.74
C PHE A 52 6.78 18.08 -17.98
N VAL A 53 7.06 17.88 -16.71
CA VAL A 53 6.10 17.26 -15.82
C VAL A 53 5.66 18.26 -14.76
N VAL A 54 4.51 18.00 -14.18
CA VAL A 54 3.98 18.88 -13.15
C VAL A 54 3.58 17.99 -11.99
N LYS A 55 4.10 18.31 -10.82
CA LYS A 55 3.72 17.61 -9.60
C LYS A 55 2.64 18.41 -8.92
N ILE A 56 1.48 17.78 -8.73
CA ILE A 56 0.32 18.42 -8.12
C ILE A 56 0.04 17.75 -6.78
N PRO A 57 -0.18 18.57 -5.73
CA PRO A 57 -0.37 18.08 -4.36
C PRO A 57 -1.76 17.49 -4.11
N VAL A 58 -2.08 16.42 -4.82
CA VAL A 58 -3.19 15.56 -4.47
C VAL A 58 -2.63 14.15 -4.55
N ASN A 59 -2.92 13.32 -3.54
CA ASN A 59 -2.32 12.00 -3.50
C ASN A 59 -3.09 10.93 -4.28
N GLU A 60 -2.78 9.67 -3.97
CA GLU A 60 -3.47 8.53 -4.58
C GLU A 60 -4.96 8.56 -4.27
N ARG A 61 -5.33 9.12 -3.11
CA ARG A 61 -6.75 9.13 -2.70
C ARG A 61 -7.36 10.51 -2.99
N GLY A 62 -6.58 11.46 -3.46
CA GLY A 62 -7.23 12.75 -3.84
C GLY A 62 -7.37 13.66 -2.65
N ILE A 63 -6.72 13.32 -1.54
CA ILE A 63 -6.73 14.26 -0.38
C ILE A 63 -5.84 15.44 -0.75
N LYS A 64 -5.80 16.46 0.11
CA LYS A 64 -4.99 17.69 -0.17
C LYS A 64 -5.63 18.44 -1.33
N SER A 69 2.14 25.38 3.56
CA SER A 69 2.22 23.91 3.53
C SER A 69 3.22 23.48 4.60
N PRO A 70 2.81 22.97 5.78
CA PRO A 70 3.77 22.68 6.86
C PRO A 70 4.13 21.20 7.08
N GLU A 71 5.08 20.94 7.99
CA GLU A 71 5.44 19.54 8.36
C GLU A 71 5.98 18.77 7.15
N ASN A 74 10.61 18.48 4.03
CA ASN A 74 10.85 19.77 3.32
C ASN A 74 10.45 19.57 1.85
N SER A 75 9.16 19.67 1.53
CA SER A 75 8.68 19.33 0.18
C SER A 75 7.98 20.51 -0.49
N HIS A 76 8.10 21.69 0.09
CA HIS A 76 7.51 22.84 -0.58
C HIS A 76 8.24 23.12 -1.90
N PRO A 77 7.46 23.36 -2.97
CA PRO A 77 8.00 23.56 -4.32
C PRO A 77 9.08 24.64 -4.39
N ASP A 78 8.94 25.71 -3.61
CA ASP A 78 9.98 26.77 -3.58
C ASP A 78 11.36 26.12 -3.35
N VAL A 80 12.71 22.93 -3.19
CA VAL A 80 12.81 21.79 -4.15
C VAL A 80 13.34 22.36 -5.45
N SER A 81 12.60 23.25 -6.07
CA SER A 81 13.07 23.98 -7.26
C SER A 81 14.50 24.48 -7.04
N LYS A 82 14.73 25.14 -5.91
CA LYS A 82 16.05 25.74 -5.68
C LYS A 82 17.10 24.66 -5.62
N TYR A 83 16.75 23.57 -4.99
CA TYR A 83 17.79 22.54 -4.79
C TYR A 83 17.84 21.64 -6.01
N LEU A 84 16.71 21.39 -6.65
CA LEU A 84 16.81 20.67 -7.94
C LEU A 84 17.67 21.45 -8.93
N ASN A 85 17.42 22.75 -9.05
CA ASN A 85 18.23 23.60 -9.92
C ASN A 85 19.70 23.59 -9.53
N MET A 86 19.96 23.56 -8.23
CA MET A 86 21.34 23.49 -7.74
C MET A 86 21.94 22.13 -8.08
N ALA A 87 21.27 21.04 -7.70
CA ALA A 87 21.73 19.67 -7.98
C ALA A 87 22.03 19.42 -9.47
N ASN A 88 21.20 19.98 -10.33
CA ASN A 88 21.33 19.75 -11.76
C ASN A 88 22.17 20.84 -12.40
N ASP A 89 22.57 21.81 -11.57
CA ASP A 89 23.35 22.96 -12.02
C ASP A 89 22.70 23.57 -13.28
N ASP A 90 21.44 23.97 -13.13
CA ASP A 90 20.64 24.42 -14.25
C ASP A 90 19.53 25.38 -13.78
N LYS A 91 19.71 26.65 -14.07
CA LYS A 91 18.72 27.65 -13.66
C LYS A 91 17.33 27.30 -14.18
N ASN A 92 17.23 26.55 -15.25
CA ASN A 92 15.90 26.33 -15.86
C ASN A 92 15.46 24.88 -15.77
N PHE A 93 15.85 24.20 -14.70
CA PHE A 93 15.37 22.83 -14.51
C PHE A 93 13.95 22.76 -13.97
N SER A 94 13.62 23.64 -13.03
CA SER A 94 12.33 23.57 -12.34
C SER A 94 11.85 24.93 -11.82
N ARG A 95 10.54 25.02 -11.62
CA ARG A 95 9.93 26.23 -11.08
C ARG A 95 8.85 25.88 -10.09
N SER A 96 8.64 26.76 -9.12
CA SER A 96 7.41 26.77 -8.34
C SER A 96 6.48 27.61 -9.16
N ALA A 97 5.23 27.19 -9.30
CA ALA A 97 4.29 27.94 -10.13
C ALA A 97 2.85 27.79 -9.65
N ILE A 98 1.98 28.68 -10.13
CA ILE A 98 0.58 28.67 -9.73
C ILE A 98 -0.28 28.13 -10.85
N MET A 99 -1.04 27.08 -10.56
CA MET A 99 -1.91 26.45 -11.56
C MET A 99 -3.31 26.35 -10.98
N ASN A 100 -4.34 26.68 -11.77
CA ASN A 100 -5.70 26.57 -11.25
C ASN A 100 -6.38 25.23 -11.57
N ILE A 101 -6.82 24.56 -10.50
CA ILE A 101 -7.38 23.22 -10.59
C ILE A 101 -8.83 23.24 -10.16
N ASN A 102 -9.75 23.00 -11.10
CA ASN A 102 -11.19 23.06 -10.83
C ASN A 102 -11.61 24.40 -10.24
N GLY A 103 -10.91 25.47 -10.62
CA GLY A 103 -11.23 26.81 -10.16
C GLY A 103 -10.40 27.30 -8.98
N LYS A 104 -9.46 26.47 -8.52
CA LYS A 104 -8.62 26.83 -7.39
C LYS A 104 -7.15 26.98 -7.78
N ASP A 105 -6.57 28.15 -7.50
CA ASP A 105 -5.14 28.36 -7.71
C ASP A 105 -4.33 27.51 -6.73
N VAL A 106 -3.52 26.60 -7.27
CA VAL A 106 -2.68 25.73 -6.44
C VAL A 106 -1.20 25.90 -6.80
N THR A 107 -0.33 25.79 -5.80
CA THR A 107 1.11 25.85 -6.03
C THR A 107 1.60 24.48 -6.46
N VAL A 108 2.24 24.43 -7.62
CA VAL A 108 2.76 23.17 -8.15
C VAL A 108 4.26 23.29 -8.45
N LEU A 109 4.87 22.13 -8.71
CA LEU A 109 6.27 22.08 -9.09
C LEU A 109 6.37 21.61 -10.54
N VAL A 110 6.99 22.42 -11.38
CA VAL A 110 7.21 22.05 -12.76
C VAL A 110 8.68 21.67 -12.94
N SER A 111 8.94 20.55 -13.61
CA SER A 111 10.32 20.17 -13.92
C SER A 111 10.48 19.69 -15.36
N LYS A 112 11.70 19.73 -15.87
CA LYS A 112 11.99 19.09 -17.16
C LYS A 112 11.66 17.61 -17.06
N TYR A 113 11.02 17.07 -18.10
CA TYR A 113 10.76 15.63 -18.12
C TYR A 113 12.04 14.93 -18.51
N ILE A 114 12.45 13.94 -17.72
CA ILE A 114 13.66 13.20 -18.03
C ILE A 114 13.30 11.75 -18.33
N GLN A 115 13.47 11.35 -19.58
CA GLN A 115 13.24 9.97 -19.95
C GLN A 115 14.55 9.21 -19.75
N GLY A 116 14.62 8.40 -18.70
CA GLY A 116 15.82 7.63 -18.45
C GLY A 116 15.52 6.48 -17.51
N GLN A 117 16.55 5.70 -17.20
CA GLN A 117 16.41 4.59 -16.26
C GLN A 117 16.83 5.05 -14.88
N GLU A 118 16.46 4.29 -13.87
CA GLU A 118 16.93 4.60 -12.53
C GLU A 118 18.43 4.33 -12.45
N PHE A 119 19.16 5.30 -11.94
CA PHE A 119 20.58 5.12 -11.66
C PHE A 119 20.73 4.50 -10.27
N ASP A 120 21.28 3.29 -10.24
CA ASP A 120 21.43 2.51 -9.03
C ASP A 120 22.67 2.91 -8.26
N VAL A 121 22.47 3.50 -7.07
CA VAL A 121 23.59 3.87 -6.20
C VAL A 121 23.78 2.94 -4.98
N GLU A 122 23.18 1.75 -5.03
CA GLU A 122 23.57 0.69 -4.12
C GLU A 122 24.98 0.29 -4.56
N ASP A 123 25.18 0.26 -5.87
CA ASP A 123 26.50 0.00 -6.43
C ASP A 123 27.51 1.08 -6.00
N GLU A 124 28.61 0.64 -5.39
CA GLU A 124 29.67 1.48 -4.81
C GLU A 124 30.19 2.51 -5.80
N ASP A 125 30.57 2.02 -6.98
CA ASP A 125 31.12 2.86 -8.04
C ASP A 125 30.16 3.97 -8.51
N ASN A 126 28.92 3.59 -8.80
CA ASN A 126 27.89 4.56 -9.16
C ASN A 126 27.66 5.63 -8.12
N TYR A 127 27.71 5.25 -6.85
CA TYR A 127 27.47 6.17 -5.75
C TYR A 127 28.59 7.20 -5.74
N ARG A 128 29.82 6.73 -5.81
CA ARG A 128 30.97 7.64 -5.81
C ARG A 128 30.96 8.57 -7.05
N MET A 129 30.47 8.05 -8.18
CA MET A 129 30.37 8.89 -9.39
C MET A 129 29.33 9.99 -9.23
N ALA A 130 28.16 9.65 -8.68
CA ALA A 130 27.11 10.65 -8.47
C ALA A 130 27.55 11.67 -7.45
N GLU A 131 28.22 11.17 -6.42
CA GLU A 131 28.74 12.01 -5.35
C GLU A 131 29.77 13.02 -5.89
N ALA A 132 30.68 12.54 -6.72
CA ALA A 132 31.72 13.40 -7.29
C ALA A 132 31.10 14.53 -8.13
N LEU A 133 30.10 14.17 -8.93
CA LEU A 133 29.40 15.15 -9.76
C LEU A 133 28.75 16.23 -8.90
N LEU A 134 27.98 15.82 -7.90
CA LEU A 134 27.26 16.77 -7.06
C LEU A 134 28.20 17.69 -6.31
N LYS A 135 29.31 17.16 -5.85
CA LYS A 135 30.23 17.96 -5.08
C LYS A 135 30.81 19.09 -5.92
N SER A 136 31.05 18.80 -7.19
CA SER A 136 31.49 19.85 -8.10
C SER A 136 30.38 20.88 -8.29
N ARG A 137 29.14 20.51 -7.98
CA ARG A 137 28.05 21.48 -8.06
C ARG A 137 27.71 22.12 -6.69
N GLY A 138 28.62 22.00 -5.73
CA GLY A 138 28.39 22.55 -4.40
C GLY A 138 27.31 21.79 -3.64
N VAL A 139 27.09 20.53 -4.00
CA VAL A 139 26.02 19.75 -3.40
C VAL A 139 26.55 18.54 -2.68
N TYR A 140 26.15 18.41 -1.40
CA TYR A 140 26.44 17.22 -0.60
C TYR A 140 25.38 16.13 -0.83
N MET A 141 25.84 14.90 -1.02
CA MET A 141 24.96 13.77 -1.24
C MET A 141 25.13 12.71 -0.15
N HIS A 142 24.04 12.05 0.22
CA HIS A 142 24.14 10.94 1.16
C HIS A 142 23.03 9.94 0.94
N ASP A 143 23.30 8.69 1.27
CA ASP A 143 22.25 7.71 1.40
C ASP A 143 21.26 8.21 2.45
N ILE A 144 20.08 7.61 2.48
CA ILE A 144 19.07 8.01 3.45
C ILE A 144 19.12 7.15 4.70
N ASN A 145 20.24 6.46 4.86
CA ASN A 145 20.42 5.67 6.10
C ASN A 145 21.14 6.54 7.13
N ILE A 146 21.00 6.22 8.42
CA ILE A 146 21.62 7.01 9.53
C ILE A 146 21.17 8.48 9.53
N LEU A 147 19.86 8.70 9.46
CA LEU A 147 19.27 10.06 9.56
C LEU A 147 18.64 10.28 10.94
N GLY A 148 18.51 11.53 11.37
CA GLY A 148 17.97 11.83 12.70
C GLY A 148 17.33 13.18 12.91
N ASN A 149 16.72 13.38 14.08
CA ASN A 149 16.11 14.67 14.47
C ASN A 149 16.78 15.15 15.76
N ILE A 150 16.85 16.46 16.01
CA ILE A 150 17.42 16.94 17.28
C ILE A 150 16.27 17.44 18.15
N LEU A 151 16.17 16.89 19.33
CA LEU A 151 15.17 17.37 20.27
C LEU A 151 15.86 18.14 21.36
N VAL A 152 15.18 19.13 21.92
CA VAL A 152 15.73 19.84 23.05
C VAL A 152 14.80 19.64 24.25
N LYS A 153 15.37 19.15 25.35
CA LYS A 153 14.60 18.87 26.54
C LYS A 153 15.30 19.64 27.65
N GLU A 154 14.61 20.64 28.21
CA GLU A 154 15.17 21.49 29.27
C GLU A 154 16.59 21.97 28.95
N GLY A 155 16.75 22.55 27.76
CA GLY A 155 18.05 23.07 27.34
C GLY A 155 19.03 22.10 26.70
N VAL A 156 18.83 20.81 26.94
CA VAL A 156 19.79 19.78 26.53
C VAL A 156 19.46 19.12 25.17
N LEU A 157 20.48 19.00 24.31
CA LEU A 157 20.30 18.38 22.98
C LEU A 157 20.31 16.85 23.03
N PHE A 158 19.31 16.26 22.40
CA PHE A 158 19.25 14.80 22.27
C PHE A 158 19.05 14.46 20.81
N PHE A 159 19.52 13.28 20.43
CA PHE A 159 19.44 12.86 19.03
C PHE A 159 18.60 11.59 18.90
N VAL A 160 17.57 11.67 18.06
CA VAL A 160 16.65 10.56 17.91
C VAL A 160 16.44 10.18 16.46
N ASP A 161 15.85 9.01 16.27
CA ASP A 161 15.56 8.53 14.93
C ASP A 161 14.62 9.53 14.25
N GLY A 162 14.88 9.84 12.98
CA GLY A 162 14.07 10.84 12.29
C GLY A 162 14.60 11.17 10.90
N ASP A 163 14.42 12.40 10.43
CA ASP A 163 14.83 12.76 9.06
C ASP A 163 15.23 14.24 8.83
N GLN A 164 15.81 14.87 9.85
CA GLN A 164 16.20 16.27 9.80
C GLN A 164 17.66 16.38 9.41
N ILE A 165 18.47 15.44 9.86
CA ILE A 165 19.91 15.53 9.63
C ILE A 165 20.50 14.17 9.33
N VAL A 166 21.71 14.19 8.79
CA VAL A 166 22.46 12.98 8.51
C VAL A 166 23.42 12.75 9.67
N LEU A 167 23.48 11.51 10.15
CA LEU A 167 24.44 11.15 11.18
C LEU A 167 25.46 10.17 10.61
N SER A 168 26.65 10.64 10.26
CA SER A 168 27.61 9.73 9.63
C SER A 168 28.85 9.61 10.47
N GLN A 169 29.67 8.61 10.18
CA GLN A 169 30.93 8.45 10.88
C GLN A 169 32.10 8.91 10.01
N GLU A 170 31.77 9.37 8.80
CA GLU A 170 32.75 9.89 7.83
C GLU A 170 33.95 8.97 7.59
N GLN B 10 22.88 -5.28 37.32
CA GLN B 10 21.49 -5.09 36.92
C GLN B 10 21.41 -4.63 35.46
N PRO B 11 20.31 -4.97 34.79
CA PRO B 11 20.12 -4.55 33.39
C PRO B 11 19.78 -3.07 33.30
N ALA B 12 20.11 -2.44 32.18
CA ALA B 12 19.80 -1.02 31.95
C ALA B 12 18.30 -0.85 31.91
N ALA B 13 17.81 0.39 32.14
CA ALA B 13 16.36 0.64 32.14
C ALA B 13 15.67 0.17 30.85
N ILE B 14 16.33 0.36 29.71
CA ILE B 14 15.73 -0.02 28.44
C ILE B 14 15.61 -1.54 28.34
N GLU B 15 16.61 -2.24 28.84
CA GLU B 15 16.59 -3.69 28.86
C GLU B 15 15.52 -4.22 29.82
N ALA B 16 15.30 -3.50 30.92
CA ALA B 16 14.21 -3.87 31.84
C ALA B 16 12.85 -3.71 31.17
N PHE B 17 12.68 -2.65 30.39
CA PHE B 17 11.44 -2.48 29.63
C PHE B 17 11.30 -3.64 28.63
N ILE B 18 12.39 -3.97 27.96
CA ILE B 18 12.38 -5.01 26.94
C ILE B 18 12.04 -6.39 27.49
N ASN B 19 12.44 -6.69 28.73
CA ASN B 19 12.11 -7.95 29.39
C ASN B 19 10.80 -7.88 30.15
N SER B 20 10.10 -6.76 30.08
CA SER B 20 8.83 -6.62 30.80
C SER B 20 7.73 -7.37 30.06
N PRO B 21 6.73 -7.87 30.80
CA PRO B 21 5.62 -8.56 30.13
C PRO B 21 4.89 -7.66 29.13
N GLU B 22 4.77 -6.38 29.48
CA GLU B 22 4.16 -5.38 28.59
C GLU B 22 4.77 -5.36 27.16
N PHE B 23 6.08 -5.56 27.08
CA PHE B 23 6.77 -5.55 25.80
C PHE B 23 6.70 -6.91 25.12
N GLN B 24 6.67 -7.99 25.90
CA GLN B 24 6.75 -9.35 25.34
C GLN B 24 5.37 -9.94 25.01
N LYS B 25 4.32 -9.14 25.11
CA LYS B 25 2.99 -9.66 24.79
C LYS B 25 2.66 -9.58 23.30
N ASN B 26 1.70 -10.39 22.87
CA ASN B 26 1.23 -10.36 21.49
C ASN B 26 0.41 -9.11 21.19
N ILE B 27 1.00 -8.20 20.42
CA ILE B 27 0.45 -6.87 20.24
C ILE B 27 -0.45 -6.73 19.01
N ARG B 28 -1.59 -6.08 19.21
CA ARG B 28 -2.47 -5.71 18.10
C ARG B 28 -2.31 -4.23 17.78
N MET B 29 -2.08 -3.92 16.50
CA MET B 29 -1.80 -2.55 16.06
C MET B 29 -2.85 -1.55 16.48
N ARG B 30 -4.10 -1.98 16.49
CA ARG B 30 -5.18 -1.08 16.87
C ARG B 30 -5.23 -0.80 18.37
N ASP B 31 -4.69 -1.70 19.18
CA ASP B 31 -4.69 -1.51 20.62
C ASP B 31 -3.63 -0.51 21.11
N ILE B 32 -2.74 -0.11 20.20
CA ILE B 32 -1.70 0.85 20.54
C ILE B 32 -1.79 2.13 19.68
N GLU B 33 -2.91 2.30 18.99
CA GLU B 33 -3.16 3.51 18.19
C GLU B 33 -3.15 4.76 19.07
N LYS B 34 -3.61 4.63 20.30
CA LYS B 34 -3.70 5.74 21.22
C LYS B 34 -2.34 6.13 21.80
N ASN B 35 -1.32 5.32 21.52
CA ASN B 35 0.03 5.60 21.98
C ASN B 35 0.87 6.10 20.82
N LYS B 36 0.26 6.20 19.65
CA LYS B 36 0.99 6.71 18.47
C LYS B 36 1.46 8.15 18.71
N ILE B 37 2.60 8.51 18.15
CA ILE B 37 3.10 9.87 18.28
C ILE B 37 3.71 10.34 16.97
N GLY B 38 3.99 9.38 16.08
CA GLY B 38 4.53 9.69 14.76
C GLY B 38 4.52 8.53 13.80
N SER B 39 4.22 8.81 12.53
CA SER B 39 4.18 7.76 11.51
C SER B 39 4.52 8.32 10.13
N GLY B 40 4.87 7.43 9.22
CA GLY B 40 5.18 7.80 7.86
C GLY B 40 5.52 6.57 7.03
N SER B 41 6.12 6.78 5.86
CA SER B 41 6.57 5.69 5.00
C SER B 41 7.67 4.89 5.70
N TYR B 42 8.38 5.55 6.61
CA TYR B 42 9.41 4.94 7.42
C TYR B 42 8.87 3.83 8.34
N GLY B 43 7.74 4.12 8.99
CA GLY B 43 7.16 3.25 9.99
C GLY B 43 6.37 4.08 10.99
N THR B 44 6.17 3.55 12.19
CA THR B 44 5.36 4.24 13.18
C THR B 44 6.03 4.22 14.55
N VAL B 45 5.95 5.34 15.26
CA VAL B 45 6.57 5.48 16.57
C VAL B 45 5.50 5.52 17.64
N TYR B 46 5.70 4.74 18.71
CA TYR B 46 4.71 4.62 19.77
C TYR B 46 5.34 4.76 21.13
N ARG B 47 4.71 5.53 22.01
CA ARG B 47 5.16 5.62 23.38
C ARG B 47 4.51 4.51 24.21
N LEU B 48 5.21 3.40 24.37
CA LEU B 48 4.61 2.20 24.96
C LEU B 48 4.97 2.05 26.42
N HIS B 49 5.69 3.04 26.93
CA HIS B 49 6.06 3.10 28.34
C HIS B 49 6.25 4.58 28.61
N ASP B 50 6.30 4.99 29.88
CA ASP B 50 6.53 6.40 30.16
C ASP B 50 7.87 6.88 29.59
N ASP B 51 8.87 6.02 29.65
CA ASP B 51 10.24 6.41 29.40
C ASP B 51 10.82 5.95 28.07
N PHE B 52 10.01 5.25 27.27
CA PHE B 52 10.52 4.67 26.03
C PHE B 52 9.54 4.72 24.88
N VAL B 53 10.08 4.77 23.67
CA VAL B 53 9.27 4.67 22.48
C VAL B 53 9.71 3.50 21.63
N VAL B 54 8.80 3.01 20.80
CA VAL B 54 9.11 1.89 19.93
C VAL B 54 8.80 2.29 18.49
N LYS B 55 9.76 2.07 17.59
CA LYS B 55 9.50 2.34 16.19
C LYS B 55 9.19 1.03 15.49
N ILE B 56 7.95 0.91 15.03
CA ILE B 56 7.52 -0.31 14.38
C ILE B 56 7.54 -0.12 12.87
N PRO B 57 8.19 -1.04 12.16
CA PRO B 57 8.29 -1.01 10.69
C PRO B 57 7.01 -1.50 10.02
N VAL B 58 6.06 -0.57 9.94
CA VAL B 58 4.78 -0.84 9.24
C VAL B 58 4.47 0.45 8.47
N ASN B 59 4.23 0.34 7.16
CA ASN B 59 4.03 1.54 6.29
C ASN B 59 2.54 1.92 6.18
N GLU B 60 1.93 2.35 7.27
CA GLU B 60 0.48 2.63 7.21
C GLU B 60 -0.27 1.37 6.80
N GLY B 62 1.67 -2.96 6.62
CA GLY B 62 2.84 -2.23 6.10
C GLY B 62 4.16 -2.95 6.31
N ILE B 63 4.93 -3.14 5.26
CA ILE B 63 6.26 -3.81 5.38
C ILE B 63 6.19 -4.81 6.53
N GLU B 71 14.65 1.10 -1.27
CA GLU B 71 15.23 1.09 0.10
C GLU B 71 14.52 2.14 0.97
N HIS B 72 14.59 1.98 2.29
CA HIS B 72 13.87 2.89 3.22
C HIS B 72 14.84 3.58 4.19
N ARG B 73 14.37 4.60 4.89
CA ARG B 73 15.21 5.43 5.78
C ARG B 73 15.59 4.70 7.07
N ASN B 74 16.88 4.70 7.42
CA ASN B 74 17.29 4.09 8.70
C ASN B 74 16.79 2.66 8.62
N SER B 75 17.41 1.87 7.74
CA SER B 75 16.86 0.53 7.43
C SER B 75 17.08 -0.53 8.52
N HIS B 76 18.20 -0.53 9.23
CA HIS B 76 18.37 -1.67 10.17
C HIS B 76 18.50 -1.17 11.60
N PRO B 77 17.54 -1.51 12.46
CA PRO B 77 17.52 -1.10 13.87
C PRO B 77 18.88 -1.25 14.55
N ASP B 78 19.59 -2.35 14.35
CA ASP B 78 20.89 -2.55 15.00
C ASP B 78 21.86 -1.43 14.69
N ARG B 79 21.94 -1.03 13.42
CA ARG B 79 22.88 0.03 13.05
C ARG B 79 22.41 1.41 13.52
N VAL B 80 21.10 1.66 13.42
CA VAL B 80 20.52 2.91 13.91
C VAL B 80 20.75 3.05 15.41
N SER B 81 20.54 1.93 16.09
CA SER B 81 20.71 1.94 17.52
C SER B 81 22.15 2.27 17.89
N LYS B 82 23.10 1.70 17.17
CA LYS B 82 24.50 1.99 17.50
C LYS B 82 24.86 3.43 17.21
N TYR B 83 24.29 3.99 16.14
CA TYR B 83 24.48 5.41 15.84
C TYR B 83 23.82 6.34 16.84
N LEU B 84 22.60 6.00 17.28
CA LEU B 84 21.94 6.82 18.29
C LEU B 84 22.65 6.74 19.64
N ASN B 85 23.19 5.57 19.96
CA ASN B 85 23.94 5.44 21.22
C ASN B 85 25.22 6.29 21.21
N MET B 86 25.90 6.31 20.07
CA MET B 86 27.12 7.10 19.87
C MET B 86 26.79 8.58 19.88
N ALA B 87 25.78 8.97 19.12
CA ALA B 87 25.39 10.38 18.99
C ALA B 87 24.98 10.99 20.34
N ASN B 88 24.30 10.20 21.17
CA ASN B 88 23.92 10.70 22.50
C ASN B 88 24.96 10.36 23.56
N ASP B 89 26.06 9.73 23.14
CA ASP B 89 27.08 9.27 24.09
C ASP B 89 26.48 8.55 25.30
N ASP B 90 25.64 7.56 25.03
CA ASP B 90 24.88 6.92 26.09
C ASP B 90 24.61 5.50 25.63
N LYS B 91 25.32 4.55 26.23
CA LYS B 91 25.27 3.16 25.77
C LYS B 91 23.88 2.54 26.02
N ASN B 92 23.04 3.23 26.77
CA ASN B 92 21.72 2.73 27.10
C ASN B 92 20.58 3.49 26.46
N PHE B 93 20.88 4.24 25.41
CA PHE B 93 19.86 5.06 24.76
C PHE B 93 18.87 4.27 23.92
N SER B 94 19.36 3.27 23.18
CA SER B 94 18.49 2.52 22.30
C SER B 94 18.98 1.12 22.09
N ARG B 95 18.06 0.26 21.64
CA ARG B 95 18.30 -1.15 21.43
C ARG B 95 17.50 -1.57 20.24
N SER B 96 18.02 -2.52 19.50
CA SER B 96 17.22 -3.27 18.55
C SER B 96 16.58 -4.42 19.35
N ALA B 97 15.36 -4.79 19.01
CA ALA B 97 14.71 -5.87 19.74
C ALA B 97 13.61 -6.50 18.92
N ILE B 98 13.07 -7.62 19.41
CA ILE B 98 12.03 -8.37 18.71
C ILE B 98 10.70 -8.30 19.43
N MET B 99 9.68 -7.87 18.69
CA MET B 99 8.33 -7.71 19.19
C MET B 99 7.40 -8.59 18.37
N ASN B 100 6.34 -9.08 19.00
CA ASN B 100 5.30 -9.81 18.26
C ASN B 100 4.13 -8.91 17.89
N ILE B 101 4.05 -8.56 16.61
CA ILE B 101 3.07 -7.61 16.11
C ILE B 101 2.10 -8.31 15.18
N ASN B 102 0.83 -8.39 15.57
CA ASN B 102 -0.19 -9.07 14.78
C ASN B 102 0.20 -10.51 14.44
N GLY B 103 0.58 -11.27 15.46
CA GLY B 103 0.97 -12.66 15.28
C GLY B 103 2.33 -12.89 14.66
N LYS B 104 3.09 -11.82 14.43
CA LYS B 104 4.33 -11.94 13.66
C LYS B 104 5.52 -11.31 14.41
N ASP B 105 6.64 -12.02 14.43
CA ASP B 105 7.89 -11.49 15.01
C ASP B 105 8.53 -10.43 14.11
N VAL B 106 8.73 -9.24 14.67
CA VAL B 106 9.29 -8.13 13.92
C VAL B 106 10.41 -7.44 14.72
N THR B 107 11.49 -7.06 14.03
CA THR B 107 12.56 -6.30 14.67
C THR B 107 12.19 -4.83 14.78
N VAL B 108 12.27 -4.28 15.99
CA VAL B 108 11.89 -2.90 16.22
C VAL B 108 13.03 -2.12 16.87
N LEU B 109 12.93 -0.80 16.83
CA LEU B 109 13.91 0.04 17.49
C LEU B 109 13.26 0.62 18.73
N VAL B 110 13.91 0.47 19.88
CA VAL B 110 13.43 1.01 21.14
C VAL B 110 14.40 2.11 21.53
N SER B 111 13.90 3.24 22.00
CA SER B 111 14.79 4.28 22.51
C SER B 111 14.15 5.09 23.60
N LYS B 112 14.98 5.76 24.40
CA LYS B 112 14.47 6.64 25.46
C LYS B 112 13.53 7.67 24.87
N TYR B 113 12.39 7.84 25.51
CA TYR B 113 11.46 8.90 25.11
C TYR B 113 12.03 10.26 25.52
N ILE B 114 12.09 11.18 24.58
CA ILE B 114 12.56 12.51 24.89
C ILE B 114 11.44 13.52 24.77
N GLN B 115 10.97 14.01 25.91
CA GLN B 115 9.92 15.02 25.89
C GLN B 115 10.53 16.38 25.64
N GLY B 116 10.35 16.90 24.44
CA GLY B 116 10.91 18.19 24.08
C GLY B 116 10.56 18.61 22.66
N GLN B 117 11.08 19.75 22.26
CA GLN B 117 10.69 20.38 21.01
C GLN B 117 11.84 20.33 20.03
N GLU B 118 11.55 20.33 18.73
CA GLU B 118 12.60 20.26 17.72
C GLU B 118 13.59 21.42 17.79
N PHE B 119 14.88 21.10 17.65
CA PHE B 119 15.93 22.11 17.60
C PHE B 119 16.02 22.67 16.19
N ASP B 120 15.95 24.01 16.06
CA ASP B 120 16.08 24.69 14.78
C ASP B 120 17.54 24.72 14.34
N VAL B 121 17.97 23.67 13.68
CA VAL B 121 19.36 23.49 13.30
C VAL B 121 19.72 24.31 12.05
N GLU B 122 18.76 25.06 11.52
CA GLU B 122 19.09 25.90 10.38
C GLU B 122 19.67 27.25 10.79
N ASP B 123 19.28 27.73 11.97
CA ASP B 123 19.94 28.88 12.55
C ASP B 123 21.42 28.54 12.77
N GLU B 124 22.31 29.46 12.41
CA GLU B 124 23.72 29.11 12.27
C GLU B 124 24.48 28.86 13.57
N ASP B 125 24.03 29.49 14.65
CA ASP B 125 24.65 29.30 15.95
C ASP B 125 24.20 27.96 16.52
N ASN B 126 22.90 27.71 16.40
CA ASN B 126 22.32 26.42 16.71
C ASN B 126 23.04 25.33 15.93
N TYR B 127 23.25 25.56 14.63
CA TYR B 127 23.93 24.60 13.77
C TYR B 127 25.30 24.24 14.32
N ARG B 128 26.09 25.25 14.70
CA ARG B 128 27.42 25.00 15.24
C ARG B 128 27.40 24.22 16.55
N MET B 129 26.45 24.58 17.42
CA MET B 129 26.32 23.95 18.73
C MET B 129 26.13 22.45 18.53
N ALA B 130 25.10 22.07 17.78
CA ALA B 130 24.82 20.66 17.52
C ALA B 130 25.98 19.99 16.81
N GLU B 131 26.60 20.70 15.87
CA GLU B 131 27.67 20.15 15.05
C GLU B 131 28.92 19.86 15.88
N ALA B 132 29.28 20.80 16.75
CA ALA B 132 30.45 20.64 17.59
C ALA B 132 30.27 19.52 18.63
N LEU B 133 29.06 19.41 19.17
CA LEU B 133 28.75 18.40 20.19
C LEU B 133 28.86 17.02 19.54
N LEU B 134 28.21 16.86 18.41
CA LEU B 134 28.27 15.62 17.65
C LEU B 134 29.72 15.19 17.36
N LYS B 135 30.51 16.13 16.86
CA LYS B 135 31.90 15.86 16.44
C LYS B 135 32.76 15.37 17.60
N SER B 136 32.48 15.89 18.79
CA SER B 136 33.21 15.49 19.97
C SER B 136 32.80 14.08 20.38
N ARG B 137 31.72 13.57 19.77
CA ARG B 137 31.27 12.22 20.04
C ARG B 137 31.55 11.32 18.83
N GLY B 138 32.28 11.83 17.85
CA GLY B 138 32.67 11.04 16.68
C GLY B 138 31.65 10.93 15.55
N VAL B 139 30.71 11.88 15.49
CA VAL B 139 29.63 11.82 14.53
C VAL B 139 29.69 13.10 13.72
N TYR B 140 29.50 12.99 12.42
CA TYR B 140 29.59 14.16 11.55
C TYR B 140 28.19 14.47 11.06
N MET B 141 27.76 15.71 11.28
CA MET B 141 26.39 16.06 11.06
C MET B 141 26.29 16.72 9.69
N HIS B 142 25.15 16.56 9.05
CA HIS B 142 24.92 17.24 7.79
C HIS B 142 23.44 17.56 7.70
N ASP B 143 23.14 18.80 7.36
CA ASP B 143 21.76 19.20 7.19
C ASP B 143 21.18 18.50 5.96
N ILE B 144 19.85 18.42 5.90
CA ILE B 144 19.18 17.86 4.75
C ILE B 144 18.31 18.95 4.17
N ASN B 145 18.56 19.33 2.92
CA ASN B 145 17.72 20.34 2.28
C ASN B 145 16.53 19.71 1.57
N ILE B 146 16.77 18.69 0.77
CA ILE B 146 15.70 17.93 0.11
C ILE B 146 16.13 16.50 -0.12
N LEU B 147 15.18 15.69 -0.58
CA LEU B 147 15.44 14.33 -1.03
C LEU B 147 15.17 14.32 -2.54
N GLY B 148 15.86 13.44 -3.27
CA GLY B 148 15.60 13.30 -4.69
C GLY B 148 15.89 11.92 -5.21
N ASN B 149 15.58 11.68 -6.48
CA ASN B 149 15.94 10.42 -7.14
C ASN B 149 17.00 10.66 -8.24
N ILE B 150 17.75 9.62 -8.60
CA ILE B 150 18.74 9.78 -9.65
C ILE B 150 18.31 9.05 -10.93
N LEU B 151 18.30 9.77 -12.04
CA LEU B 151 18.04 9.19 -13.36
C LEU B 151 19.26 9.36 -14.26
N VAL B 152 19.49 8.38 -15.12
CA VAL B 152 20.59 8.49 -16.08
C VAL B 152 20.07 8.39 -17.51
N LYS B 153 20.46 9.34 -18.34
CA LYS B 153 20.00 9.38 -19.71
C LYS B 153 21.21 9.48 -20.60
N GLU B 154 21.48 8.42 -21.36
CA GLU B 154 22.60 8.37 -22.28
C GLU B 154 23.90 8.75 -21.58
N GLY B 155 24.12 8.15 -20.40
CA GLY B 155 25.33 8.40 -19.63
C GLY B 155 25.33 9.67 -18.77
N VAL B 156 24.29 10.49 -18.89
CA VAL B 156 24.21 11.74 -18.13
C VAL B 156 23.23 11.69 -16.95
N LEU B 157 23.71 12.11 -15.77
CA LEU B 157 22.92 12.08 -14.52
C LEU B 157 22.00 13.28 -14.35
N PHE B 158 20.76 13.00 -13.97
CA PHE B 158 19.79 14.04 -13.64
C PHE B 158 19.15 13.77 -12.28
N PHE B 159 18.75 14.85 -11.63
CA PHE B 159 18.28 14.77 -10.26
C PHE B 159 16.85 15.30 -10.20
N VAL B 160 15.92 14.42 -9.83
CA VAL B 160 14.51 14.78 -9.84
C VAL B 160 13.94 14.63 -8.45
N ASP B 161 12.77 15.21 -8.22
CA ASP B 161 12.08 15.09 -6.94
C ASP B 161 11.82 13.62 -6.67
N GLY B 162 12.18 13.18 -5.46
CA GLY B 162 12.11 11.76 -5.14
C GLY B 162 12.38 11.51 -3.68
N ASP B 163 12.90 10.33 -3.35
CA ASP B 163 13.15 10.01 -1.95
C ASP B 163 14.23 8.95 -1.73
N GLN B 164 15.25 8.92 -2.56
CA GLN B 164 16.26 7.86 -2.45
C GLN B 164 17.61 8.32 -1.93
N ILE B 165 17.89 9.62 -2.07
CA ILE B 165 19.13 10.17 -1.54
C ILE B 165 18.87 11.52 -0.92
N VAL B 166 19.73 11.95 -0.01
CA VAL B 166 19.61 13.32 0.44
C VAL B 166 20.46 14.23 -0.42
N LEU B 167 19.96 15.44 -0.62
CA LEU B 167 20.66 16.45 -1.37
C LEU B 167 20.65 17.74 -0.56
N SER B 168 21.81 18.18 -0.10
CA SER B 168 21.84 19.42 0.64
C SER B 168 23.02 20.27 0.19
N GLN B 169 22.83 21.58 0.24
CA GLN B 169 23.89 22.52 -0.10
C GLN B 169 25.14 22.28 0.75
N GLU B 170 26.28 22.16 0.09
CA GLU B 170 27.52 21.89 0.82
C GLU B 170 28.25 23.20 1.02
N GLN C 10 0.20 -16.99 -38.31
CA GLN C 10 -0.42 -16.28 -37.16
C GLN C 10 0.31 -16.64 -35.86
N PRO C 11 1.66 -16.58 -35.76
CA PRO C 11 2.34 -17.02 -34.55
C PRO C 11 2.05 -16.05 -33.40
N ALA C 12 1.21 -16.46 -32.45
CA ALA C 12 0.80 -15.61 -31.32
C ALA C 12 1.99 -14.96 -30.66
N ALA C 13 1.96 -13.64 -30.49
CA ALA C 13 3.06 -12.94 -29.83
C ALA C 13 3.41 -13.51 -28.45
N ILE C 14 2.40 -13.95 -27.71
CA ILE C 14 2.64 -14.44 -26.35
C ILE C 14 3.27 -15.84 -26.36
N GLU C 15 2.89 -16.66 -27.33
CA GLU C 15 3.57 -17.93 -27.56
C GLU C 15 5.04 -17.72 -27.89
N ALA C 16 5.31 -16.73 -28.74
CA ALA C 16 6.68 -16.41 -29.13
C ALA C 16 7.54 -15.96 -27.96
N PHE C 17 6.97 -15.12 -27.08
CA PHE C 17 7.69 -14.66 -25.90
C PHE C 17 7.94 -15.78 -24.88
N ILE C 18 6.98 -16.69 -24.74
CA ILE C 18 7.08 -17.79 -23.77
C ILE C 18 8.14 -18.82 -24.18
N ASN C 19 8.09 -19.22 -25.44
CA ASN C 19 9.06 -20.16 -26.01
C ASN C 19 10.37 -19.48 -26.38
N SER C 20 10.56 -18.25 -25.91
CA SER C 20 11.82 -17.56 -26.12
C SER C 20 12.79 -18.00 -25.03
N PRO C 21 14.10 -17.92 -25.32
CA PRO C 21 15.15 -18.20 -24.33
C PRO C 21 15.04 -17.27 -23.13
N GLU C 22 14.85 -15.98 -23.39
CA GLU C 22 14.64 -14.95 -22.38
C GLU C 22 13.75 -15.43 -21.24
N PHE C 23 12.64 -16.06 -21.62
CA PHE C 23 11.67 -16.58 -20.66
C PHE C 23 12.14 -17.94 -20.10
N GLN C 24 12.68 -18.79 -20.97
CA GLN C 24 13.12 -20.13 -20.60
C GLN C 24 14.49 -20.17 -19.92
N LYS C 25 15.10 -18.99 -19.79
CA LYS C 25 16.34 -18.82 -19.06
C LYS C 25 16.12 -19.24 -17.60
N ASN C 26 17.16 -19.77 -16.96
CA ASN C 26 17.12 -20.00 -15.52
C ASN C 26 17.37 -18.69 -14.79
N ILE C 27 16.38 -18.27 -14.02
CA ILE C 27 16.29 -16.90 -13.54
C ILE C 27 16.49 -16.78 -12.03
N ARG C 28 17.23 -15.76 -11.61
CA ARG C 28 17.32 -15.37 -10.20
C ARG C 28 16.34 -14.23 -9.91
N MET C 29 15.80 -14.21 -8.69
CA MET C 29 14.92 -13.13 -8.26
C MET C 29 15.69 -11.82 -8.17
N ARG C 30 16.97 -11.93 -7.87
CA ARG C 30 17.87 -10.79 -7.78
C ARG C 30 17.92 -10.04 -9.10
N ASP C 31 17.88 -10.80 -10.20
CA ASP C 31 18.10 -10.25 -11.54
C ASP C 31 16.89 -9.53 -12.15
N ILE C 32 15.70 -9.76 -11.62
CA ILE C 32 14.48 -9.21 -12.20
C ILE C 32 13.73 -8.29 -11.25
N GLU C 33 14.33 -8.00 -10.10
CA GLU C 33 13.73 -7.07 -9.13
C GLU C 33 13.44 -5.70 -9.76
N LYS C 34 14.31 -5.26 -10.65
CA LYS C 34 14.18 -3.95 -11.29
C LYS C 34 12.91 -3.82 -12.15
N ASN C 35 12.32 -4.95 -12.53
CA ASN C 35 11.12 -4.95 -13.35
C ASN C 35 9.85 -5.11 -12.54
N LYS C 36 9.95 -5.01 -11.23
CA LYS C 36 8.80 -5.19 -10.36
C LYS C 36 7.85 -3.99 -10.48
N ILE C 37 6.57 -4.27 -10.58
CA ILE C 37 5.57 -3.23 -10.76
C ILE C 37 4.36 -3.48 -9.86
N GLY C 38 4.23 -4.72 -9.41
CA GLY C 38 3.13 -5.10 -8.52
C GLY C 38 3.57 -6.04 -7.42
N SER C 39 2.84 -6.02 -6.31
CA SER C 39 3.15 -6.89 -5.18
C SER C 39 1.90 -7.18 -4.35
N GLY C 40 1.98 -8.20 -3.50
CA GLY C 40 0.88 -8.56 -2.63
C GLY C 40 0.98 -9.97 -2.10
N SER C 41 -0.15 -10.48 -1.58
CA SER C 41 -0.21 -11.84 -1.06
C SER C 41 -0.50 -12.82 -2.19
N GLY C 43 1.14 -12.69 -5.15
CA GLY C 43 2.38 -12.90 -5.86
C GLY C 43 2.78 -11.53 -6.38
N THR C 44 3.85 -11.47 -7.17
CA THR C 44 4.34 -10.20 -7.65
C THR C 44 4.32 -10.10 -9.19
N VAL C 45 3.95 -8.94 -9.72
CA VAL C 45 3.84 -8.76 -11.17
C VAL C 45 5.07 -8.07 -11.74
N TYR C 46 5.69 -8.70 -12.73
CA TYR C 46 6.94 -8.19 -13.31
C TYR C 46 6.77 -7.89 -14.78
N ARG C 47 7.50 -6.88 -15.26
CA ARG C 47 7.49 -6.56 -16.68
C ARG C 47 8.79 -7.01 -17.35
N LEU C 48 8.72 -8.12 -18.08
CA LEU C 48 9.90 -8.77 -18.64
C LEU C 48 10.03 -8.57 -20.13
N HIS C 49 9.12 -7.79 -20.69
CA HIS C 49 9.09 -7.50 -22.11
C HIS C 49 8.45 -6.13 -22.21
N ASP C 50 8.47 -5.55 -23.41
CA ASP C 50 7.74 -4.31 -23.63
C ASP C 50 6.23 -4.58 -23.54
N ASP C 51 5.83 -5.77 -23.98
CA ASP C 51 4.41 -6.05 -24.25
C ASP C 51 3.76 -7.10 -23.35
N PHE C 52 4.48 -7.61 -22.34
CA PHE C 52 3.91 -8.65 -21.50
C PHE C 52 4.34 -8.51 -20.04
N VAL C 53 3.42 -8.85 -19.14
CA VAL C 53 3.74 -8.91 -17.71
C VAL C 53 3.57 -10.32 -17.19
N VAL C 54 4.15 -10.58 -16.01
CA VAL C 54 4.18 -11.93 -15.48
C VAL C 54 3.88 -11.89 -14.00
N LYS C 55 2.84 -12.61 -13.59
CA LYS C 55 2.57 -12.77 -12.17
C LYS C 55 3.28 -14.01 -11.64
N ILE C 56 4.17 -13.79 -10.71
CA ILE C 56 4.88 -14.93 -10.05
C ILE C 56 4.35 -15.00 -8.63
N PRO C 57 4.06 -16.25 -8.17
CA PRO C 57 3.54 -16.51 -6.84
C PRO C 57 4.60 -16.38 -5.76
N VAL C 58 5.33 -15.29 -5.76
CA VAL C 58 6.27 -15.01 -4.64
C VAL C 58 5.64 -13.84 -3.92
N ASN C 59 5.09 -14.07 -2.73
CA ASN C 59 4.34 -12.99 -2.04
C ASN C 59 5.28 -12.02 -1.32
N GLU C 60 4.71 -10.95 -0.76
CA GLU C 60 5.50 -9.84 -0.17
C GLU C 60 6.77 -10.40 0.48
N GLY C 62 6.21 -15.51 0.49
CA GLY C 62 7.12 -16.44 -0.21
C GLY C 62 6.36 -17.50 -0.98
N ILE C 63 5.07 -17.26 -1.23
CA ILE C 63 4.23 -18.25 -1.95
C ILE C 63 3.06 -17.52 -2.63
N ARG C 73 -12.17 -16.56 -5.67
CA ARG C 73 -10.75 -16.86 -5.56
C ARG C 73 -10.31 -17.76 -6.72
N ASN C 74 -10.09 -19.03 -6.41
CA ASN C 74 -9.69 -20.04 -7.39
C ASN C 74 -8.47 -19.59 -8.22
N SER C 75 -7.51 -18.93 -7.58
CA SER C 75 -6.40 -18.29 -8.32
C SER C 75 -5.32 -19.24 -8.82
N HIS C 76 -5.65 -20.11 -9.76
CA HIS C 76 -4.58 -20.92 -10.40
C HIS C 76 -4.37 -20.37 -11.80
N PRO C 77 -3.14 -20.06 -12.22
CA PRO C 77 -2.88 -19.41 -13.52
C PRO C 77 -3.58 -20.11 -14.67
N ASP C 78 -3.59 -21.44 -14.64
CA ASP C 78 -4.30 -22.27 -15.61
C ASP C 78 -5.73 -21.75 -15.83
N ARG C 79 -6.43 -21.54 -14.72
CA ARG C 79 -7.83 -21.14 -14.71
C ARG C 79 -8.03 -19.65 -14.97
N VAL C 80 -7.20 -18.83 -14.34
CA VAL C 80 -7.26 -17.39 -14.51
C VAL C 80 -7.05 -17.01 -15.98
N SER C 81 -6.07 -17.66 -16.61
CA SER C 81 -5.76 -17.37 -18.01
C SER C 81 -6.96 -17.69 -18.89
N LYS C 82 -7.60 -18.82 -18.62
CA LYS C 82 -8.79 -19.21 -19.33
C LYS C 82 -9.85 -18.12 -19.25
N TYR C 83 -10.08 -17.57 -18.06
CA TYR C 83 -11.17 -16.60 -17.92
C TYR C 83 -10.77 -15.18 -18.35
N LEU C 84 -9.49 -14.84 -18.21
CA LEU C 84 -9.00 -13.60 -18.83
C LEU C 84 -9.16 -13.62 -20.35
N ASN C 85 -8.78 -14.72 -21.00
CA ASN C 85 -8.94 -14.83 -22.46
C ASN C 85 -10.39 -14.76 -22.94
N MET C 86 -11.29 -15.46 -22.24
CA MET C 86 -12.73 -15.33 -22.51
C MET C 86 -13.18 -13.88 -22.32
N ALA C 87 -12.86 -13.28 -21.17
CA ALA C 87 -13.31 -11.92 -20.84
C ALA C 87 -12.83 -10.85 -21.82
N ASN C 88 -11.64 -11.05 -22.37
CA ASN C 88 -11.08 -10.11 -23.33
C ASN C 88 -11.39 -10.51 -24.75
N ASP C 89 -12.13 -11.61 -24.91
CA ASP C 89 -12.38 -12.19 -26.22
C ASP C 89 -11.09 -12.24 -27.05
N ASP C 90 -10.03 -12.80 -26.47
CA ASP C 90 -8.72 -12.80 -27.11
C ASP C 90 -7.98 -14.02 -26.61
N LYS C 91 -7.88 -15.02 -27.49
CA LYS C 91 -7.29 -16.30 -27.16
C LYS C 91 -5.81 -16.16 -26.86
N ASN C 92 -5.24 -15.01 -27.21
CA ASN C 92 -3.84 -14.78 -26.98
C ASN C 92 -3.56 -13.74 -25.91
N PHE C 93 -4.58 -13.37 -25.14
CA PHE C 93 -4.39 -12.37 -24.11
C PHE C 93 -3.40 -12.82 -23.05
N SER C 94 -3.46 -14.11 -22.71
CA SER C 94 -2.73 -14.62 -21.54
C SER C 94 -2.47 -16.12 -21.59
N ARG C 95 -1.43 -16.55 -20.88
CA ARG C 95 -1.05 -17.95 -20.81
C ARG C 95 -0.61 -18.33 -19.42
N SER C 96 -0.83 -19.59 -19.07
CA SER C 96 -0.10 -20.18 -17.95
C SER C 96 1.20 -20.73 -18.54
N ALA C 97 2.26 -20.70 -17.74
CA ALA C 97 3.57 -21.11 -18.24
C ALA C 97 4.50 -21.51 -17.11
N ILE C 98 5.52 -22.31 -17.46
CA ILE C 98 6.55 -22.67 -16.50
C ILE C 98 7.76 -21.76 -16.66
N MET C 99 8.13 -21.09 -15.58
CA MET C 99 9.34 -20.28 -15.54
C MET C 99 10.22 -20.92 -14.47
N ASN C 100 11.54 -20.81 -14.64
CA ASN C 100 12.45 -21.35 -13.64
C ASN C 100 13.12 -20.26 -12.83
N ILE C 101 12.77 -20.21 -11.53
CA ILE C 101 13.24 -19.19 -10.61
C ILE C 101 13.99 -19.80 -9.43
N ASN C 102 15.25 -19.42 -9.26
CA ASN C 102 16.12 -20.01 -8.24
C ASN C 102 16.19 -21.54 -8.30
N GLY C 103 16.09 -22.10 -9.50
CA GLY C 103 16.17 -23.55 -9.69
C GLY C 103 14.84 -24.28 -9.58
N LYS C 104 13.80 -23.53 -9.23
CA LYS C 104 12.45 -24.06 -9.05
C LYS C 104 11.57 -23.80 -10.27
N ASP C 105 11.09 -24.86 -10.90
CA ASP C 105 10.02 -24.72 -11.88
C ASP C 105 8.80 -24.12 -11.18
N VAL C 106 8.38 -22.94 -11.61
CA VAL C 106 7.20 -22.29 -11.03
C VAL C 106 6.14 -22.00 -12.10
N THR C 107 4.89 -22.28 -11.79
CA THR C 107 3.81 -21.96 -12.71
C THR C 107 3.48 -20.48 -12.62
N VAL C 108 3.53 -19.78 -13.75
CA VAL C 108 3.27 -18.33 -13.77
C VAL C 108 2.11 -17.93 -14.69
N LEU C 109 1.59 -16.73 -14.44
CA LEU C 109 0.58 -16.13 -15.31
C LEU C 109 1.20 -15.02 -16.16
N VAL C 110 1.09 -15.18 -17.48
CA VAL C 110 1.65 -14.24 -18.44
C VAL C 110 0.50 -13.58 -19.17
N SER C 111 0.41 -12.26 -19.14
CA SER C 111 -0.63 -11.59 -19.91
C SER C 111 -0.10 -10.39 -20.68
N LYS C 112 -0.83 -9.98 -21.73
CA LYS C 112 -0.52 -8.72 -22.43
C LYS C 112 -0.45 -7.53 -21.47
N TYR C 113 0.65 -6.80 -21.52
CA TYR C 113 0.78 -5.55 -20.78
C TYR C 113 -0.16 -4.47 -21.35
N ILE C 114 -0.99 -3.91 -20.48
CA ILE C 114 -1.95 -2.88 -20.87
C ILE C 114 -1.61 -1.56 -20.21
N GLN C 115 -1.08 -0.62 -20.98
CA GLN C 115 -0.76 0.71 -20.47
C GLN C 115 -2.04 1.55 -20.45
N GLY C 116 -2.64 1.71 -19.28
CA GLY C 116 -3.94 2.34 -19.22
C GLY C 116 -4.32 3.02 -17.91
N GLN C 117 -5.60 3.35 -17.83
CA GLN C 117 -6.19 4.01 -16.67
C GLN C 117 -7.24 3.07 -16.10
N GLU C 118 -7.49 3.19 -14.80
CA GLU C 118 -8.54 2.41 -14.14
C GLU C 118 -9.90 2.93 -14.59
N PHE C 119 -10.74 2.03 -15.04
CA PHE C 119 -12.05 2.38 -15.54
C PHE C 119 -13.07 2.24 -14.40
N ASP C 120 -13.54 3.38 -13.90
CA ASP C 120 -14.44 3.43 -12.75
C ASP C 120 -15.86 2.96 -13.08
N VAL C 121 -16.24 1.80 -12.54
CA VAL C 121 -17.59 1.23 -12.74
C VAL C 121 -18.53 1.57 -11.59
N GLU C 122 -18.06 2.40 -10.66
CA GLU C 122 -18.97 3.01 -9.70
C GLU C 122 -19.84 4.01 -10.48
N ASP C 123 -19.27 4.63 -11.51
CA ASP C 123 -20.09 5.41 -12.42
C ASP C 123 -21.04 4.47 -13.16
N GLU C 124 -22.34 4.76 -13.06
CA GLU C 124 -23.37 3.87 -13.58
C GLU C 124 -23.28 3.66 -15.11
N ASP C 125 -23.11 4.76 -15.85
CA ASP C 125 -22.92 4.70 -17.29
C ASP C 125 -21.74 3.81 -17.70
N ASN C 126 -20.58 4.02 -17.05
CA ASN C 126 -19.44 3.13 -17.27
C ASN C 126 -19.74 1.68 -16.93
N TYR C 127 -20.44 1.45 -15.82
CA TYR C 127 -20.74 0.08 -15.39
C TYR C 127 -21.54 -0.62 -16.47
N ARG C 128 -22.61 0.05 -16.93
CA ARG C 128 -23.49 -0.54 -17.93
C ARG C 128 -22.75 -0.88 -19.24
N MET C 129 -21.88 0.02 -19.70
CA MET C 129 -21.18 -0.24 -20.95
C MET C 129 -20.21 -1.42 -20.84
N ALA C 130 -19.48 -1.49 -19.72
CA ALA C 130 -18.58 -2.62 -19.48
C ALA C 130 -19.40 -3.90 -19.40
N GLU C 131 -20.60 -3.78 -18.85
CA GLU C 131 -21.48 -4.93 -18.72
C GLU C 131 -22.02 -5.39 -20.08
N ALA C 132 -22.36 -4.44 -20.96
CA ALA C 132 -22.88 -4.82 -22.26
C ALA C 132 -21.78 -5.48 -23.13
N LEU C 133 -20.54 -5.04 -22.95
CA LEU C 133 -19.43 -5.62 -23.70
C LEU C 133 -19.19 -7.03 -23.21
N LEU C 134 -19.05 -7.19 -21.90
CA LEU C 134 -18.81 -8.51 -21.31
C LEU C 134 -19.92 -9.49 -21.69
N LYS C 135 -21.15 -9.01 -21.71
CA LYS C 135 -22.29 -9.85 -22.06
C LYS C 135 -22.16 -10.38 -23.49
N SER C 136 -21.69 -9.52 -24.40
CA SER C 136 -21.52 -9.93 -25.78
C SER C 136 -20.41 -10.97 -25.95
N ARG C 137 -19.59 -11.13 -24.92
CA ARG C 137 -18.51 -12.09 -24.90
C ARG C 137 -18.86 -13.31 -24.04
N GLY C 138 -20.12 -13.38 -23.62
CA GLY C 138 -20.58 -14.54 -22.88
C GLY C 138 -20.08 -14.52 -21.45
N VAL C 139 -19.77 -13.33 -20.94
CA VAL C 139 -19.27 -13.18 -19.58
C VAL C 139 -20.25 -12.38 -18.71
N TYR C 140 -20.60 -12.94 -17.56
CA TYR C 140 -21.43 -12.24 -16.58
C TYR C 140 -20.53 -11.36 -15.73
N MET C 141 -20.98 -10.14 -15.43
CA MET C 141 -20.16 -9.22 -14.64
C MET C 141 -20.95 -8.79 -13.41
N HIS C 142 -20.27 -8.54 -12.30
CA HIS C 142 -20.95 -8.04 -11.09
C HIS C 142 -20.00 -7.27 -10.18
N ASP C 143 -20.56 -6.38 -9.35
CA ASP C 143 -19.80 -5.79 -8.25
C ASP C 143 -19.38 -6.89 -7.28
N ILE C 144 -18.51 -6.58 -6.31
CA ILE C 144 -18.05 -7.55 -5.28
C ILE C 144 -18.97 -7.43 -4.07
N ASN C 145 -20.08 -6.83 -4.32
CA ASN C 145 -21.07 -6.65 -3.23
C ASN C 145 -22.38 -7.33 -3.67
N LEU C 147 -22.21 -10.65 -2.23
CA LEU C 147 -21.30 -11.83 -2.23
C LEU C 147 -21.40 -12.71 -0.96
N GLY C 148 -21.44 -14.02 -1.12
CA GLY C 148 -21.53 -14.92 0.03
C GLY C 148 -20.91 -16.28 -0.13
N ASN C 149 -20.87 -17.04 0.95
CA ASN C 149 -20.36 -18.43 0.92
C ASN C 149 -21.46 -19.38 1.34
N ILE C 150 -21.45 -20.60 0.81
CA ILE C 150 -22.43 -21.61 1.19
C ILE C 150 -21.84 -22.61 2.18
N LEU C 151 -22.52 -22.78 3.32
CA LEU C 151 -22.16 -23.82 4.27
C LEU C 151 -23.29 -24.85 4.36
N VAL C 152 -22.93 -26.11 4.61
CA VAL C 152 -23.91 -27.15 4.93
C VAL C 152 -23.74 -27.59 6.39
N LYS C 153 -24.83 -27.60 7.15
CA LYS C 153 -24.81 -27.98 8.56
C LYS C 153 -25.82 -29.07 8.77
N GLU C 154 -25.34 -30.30 8.98
CA GLU C 154 -26.23 -31.46 9.15
C GLU C 154 -27.26 -31.51 8.04
N GLY C 155 -26.79 -31.53 6.79
CA GLY C 155 -27.67 -31.61 5.65
C GLY C 155 -28.25 -30.34 5.07
N VAL C 156 -28.39 -29.32 5.91
CA VAL C 156 -29.14 -28.12 5.56
C VAL C 156 -28.26 -26.95 5.09
N LEU C 157 -28.63 -26.32 3.99
CA LEU C 157 -27.81 -25.22 3.43
C LEU C 157 -28.00 -23.87 4.12
N PHE C 158 -26.90 -23.22 4.48
CA PHE C 158 -26.92 -21.84 4.97
C PHE C 158 -26.00 -20.93 4.14
N PHE C 159 -26.32 -19.65 4.14
CA PHE C 159 -25.55 -18.65 3.39
C PHE C 159 -25.02 -17.58 4.31
N VAL C 160 -23.71 -17.37 4.27
CA VAL C 160 -23.04 -16.43 5.16
C VAL C 160 -22.20 -15.47 4.34
N ASP C 161 -21.76 -14.38 4.97
CA ASP C 161 -20.79 -13.47 4.37
C ASP C 161 -19.57 -14.25 3.86
N GLY C 162 -19.10 -13.93 2.67
CA GLY C 162 -17.96 -14.63 2.08
C GLY C 162 -17.75 -14.22 0.65
N ASP C 163 -17.22 -15.13 -0.19
CA ASP C 163 -16.80 -14.77 -1.55
C ASP C 163 -16.90 -15.88 -2.60
N GLN C 164 -17.76 -16.86 -2.37
CA GLN C 164 -17.87 -18.01 -3.27
C GLN C 164 -18.87 -17.71 -4.39
N ILE C 165 -19.96 -17.03 -4.04
CA ILE C 165 -21.04 -16.76 -5.00
C ILE C 165 -21.58 -15.32 -4.90
N VAL C 166 -22.29 -14.89 -5.94
CA VAL C 166 -22.95 -13.61 -5.92
C VAL C 166 -24.38 -13.81 -5.45
N LEU C 167 -24.84 -13.00 -4.50
CA LEU C 167 -26.24 -13.04 -4.11
C LEU C 167 -26.93 -11.77 -4.64
N SER C 168 -27.78 -11.87 -5.63
CA SER C 168 -28.38 -10.66 -6.16
C SER C 168 -29.89 -10.79 -6.13
N GLN C 169 -30.58 -9.67 -6.24
CA GLN C 169 -32.05 -9.67 -6.17
C GLN C 169 -32.65 -9.50 -7.56
N GLU C 170 -31.84 -9.33 -8.57
CA GLU C 170 -32.41 -9.04 -9.90
C GLU C 170 -32.46 -10.32 -10.73
N GLN D 10 -40.55 -9.48 23.40
CA GLN D 10 -39.34 -10.30 23.55
C GLN D 10 -38.53 -10.21 22.27
N PRO D 11 -37.22 -9.92 22.30
CA PRO D 11 -36.49 -9.74 21.04
C PRO D 11 -35.79 -11.00 20.57
N ALA D 12 -35.33 -10.97 19.32
CA ALA D 12 -34.62 -12.09 18.72
C ALA D 12 -33.34 -12.39 19.48
N ALA D 13 -32.90 -13.65 19.41
CA ALA D 13 -31.64 -14.06 20.01
C ALA D 13 -30.47 -13.11 19.62
N ILE D 14 -30.43 -12.69 18.37
CA ILE D 14 -29.30 -11.90 17.91
C ILE D 14 -29.32 -10.53 18.57
N GLU D 15 -30.53 -10.03 18.78
CA GLU D 15 -30.74 -8.74 19.40
C GLU D 15 -30.46 -8.76 20.89
N ALA D 16 -30.77 -9.88 21.53
CA ALA D 16 -30.35 -10.08 22.91
C ALA D 16 -28.83 -10.13 23.05
N PHE D 17 -28.14 -10.70 22.07
CA PHE D 17 -26.67 -10.73 22.09
C PHE D 17 -26.11 -9.30 21.95
N ILE D 18 -26.71 -8.53 21.05
CA ILE D 18 -26.28 -7.15 20.80
C ILE D 18 -26.54 -6.21 21.99
N ASN D 19 -27.57 -6.49 22.78
CA ASN D 19 -27.81 -5.73 24.01
C ASN D 19 -27.05 -6.26 25.23
N SER D 20 -26.26 -7.29 25.05
CA SER D 20 -25.52 -7.88 26.17
C SER D 20 -24.30 -7.03 26.50
N PRO D 21 -23.83 -7.10 27.75
CA PRO D 21 -22.63 -6.35 28.17
C PRO D 21 -21.36 -6.80 27.45
N GLU D 22 -21.31 -8.07 27.08
CA GLU D 22 -20.23 -8.62 26.27
C GLU D 22 -20.07 -7.92 24.91
N PHE D 23 -21.17 -7.51 24.30
CA PHE D 23 -21.08 -6.90 22.98
C PHE D 23 -20.92 -5.39 23.13
N GLN D 24 -21.47 -4.84 24.21
CA GLN D 24 -21.54 -3.40 24.40
C GLN D 24 -20.31 -2.83 25.12
N LYS D 25 -19.42 -3.71 25.59
CA LYS D 25 -18.22 -3.25 26.30
C LYS D 25 -17.23 -2.58 25.33
N ASN D 26 -16.22 -1.92 25.89
CA ASN D 26 -15.15 -1.36 25.07
C ASN D 26 -14.21 -2.50 24.67
N ILE D 27 -14.27 -2.90 23.41
CA ILE D 27 -13.56 -4.09 22.91
C ILE D 27 -12.09 -3.80 22.65
N ARG D 28 -11.22 -4.65 23.17
CA ARG D 28 -9.80 -4.61 22.83
C ARG D 28 -9.43 -5.82 21.98
N MET D 29 -8.87 -5.56 20.81
CA MET D 29 -8.57 -6.59 19.82
C MET D 29 -7.76 -7.73 20.41
N ARG D 30 -6.93 -7.40 21.39
CA ARG D 30 -6.10 -8.38 22.04
C ARG D 30 -6.95 -9.40 22.83
N ASP D 31 -8.09 -8.95 23.34
CA ASP D 31 -8.97 -9.77 24.18
C ASP D 31 -9.81 -10.80 23.41
N ILE D 32 -9.97 -10.61 22.11
CA ILE D 32 -10.84 -11.47 21.33
C ILE D 32 -10.04 -12.22 20.28
N GLU D 33 -8.71 -12.10 20.35
CA GLU D 33 -7.83 -12.84 19.45
C GLU D 33 -8.09 -14.34 19.50
N LYS D 34 -8.45 -14.86 20.68
CA LYS D 34 -8.70 -16.29 20.82
C LYS D 34 -9.95 -16.75 20.06
N ASN D 35 -10.96 -15.89 20.03
CA ASN D 35 -12.23 -16.20 19.38
C ASN D 35 -12.19 -16.00 17.89
N LYS D 36 -11.01 -15.72 17.34
CA LYS D 36 -10.87 -15.53 15.89
C LYS D 36 -11.16 -16.81 15.11
N ILE D 37 -11.73 -16.67 13.93
CA ILE D 37 -12.07 -17.82 13.09
C ILE D 37 -11.56 -17.58 11.68
N GLY D 38 -11.51 -16.31 11.27
CA GLY D 38 -11.06 -15.97 9.94
C GLY D 38 -10.69 -14.52 9.76
N SER D 39 -9.84 -14.25 8.75
CA SER D 39 -9.44 -12.88 8.44
C SER D 39 -8.97 -12.78 6.99
N GLY D 40 -9.11 -11.58 6.43
CA GLY D 40 -8.68 -11.34 5.07
C GLY D 40 -8.63 -9.84 4.79
N SER D 41 -8.81 -9.49 3.51
CA SER D 41 -8.77 -8.10 3.08
C SER D 41 -10.01 -7.33 3.54
N TYR D 42 -11.10 -8.06 3.72
CA TYR D 42 -12.40 -7.53 4.13
C TYR D 42 -12.42 -7.09 5.60
N GLY D 43 -11.74 -7.85 6.45
CA GLY D 43 -11.82 -7.67 7.88
C GLY D 43 -11.56 -8.97 8.60
N THR D 44 -12.24 -9.19 9.71
CA THR D 44 -11.92 -10.33 10.55
C THR D 44 -13.18 -10.84 11.24
N VAL D 45 -13.33 -12.16 11.31
CA VAL D 45 -14.51 -12.78 11.88
C VAL D 45 -14.19 -13.48 13.19
N TYR D 46 -14.94 -13.15 14.23
CA TYR D 46 -14.70 -13.67 15.57
C TYR D 46 -15.97 -14.30 16.07
N ARG D 47 -15.84 -15.40 16.82
CA ARG D 47 -16.97 -16.03 17.48
C ARG D 47 -17.08 -15.53 18.92
N LEU D 48 -17.92 -14.53 19.15
CA LEU D 48 -17.95 -13.85 20.45
C LEU D 48 -19.12 -14.31 21.30
N HIS D 49 -19.79 -15.36 20.85
CA HIS D 49 -20.90 -15.91 21.60
C HIS D 49 -20.99 -17.32 21.07
N ASP D 50 -21.61 -18.22 21.82
CA ASP D 50 -21.75 -19.58 21.29
C ASP D 50 -22.45 -19.57 19.93
N ASP D 51 -23.49 -18.74 19.82
CA ASP D 51 -24.38 -18.75 18.69
C ASP D 51 -24.13 -17.65 17.65
N PHE D 52 -23.13 -16.78 17.85
CA PHE D 52 -22.95 -15.63 16.93
C PHE D 52 -21.51 -15.30 16.57
N VAL D 53 -21.32 -14.83 15.33
CA VAL D 53 -20.05 -14.28 14.89
C VAL D 53 -20.19 -12.79 14.55
N VAL D 54 -19.10 -12.06 14.74
CA VAL D 54 -19.07 -10.64 14.43
C VAL D 54 -17.92 -10.40 13.44
N LYS D 55 -18.25 -9.82 12.30
CA LYS D 55 -17.23 -9.40 11.35
C LYS D 55 -16.82 -7.96 11.65
N ILE D 56 -15.55 -7.80 11.99
CA ILE D 56 -14.98 -6.49 12.31
C ILE D 56 -14.18 -5.97 11.13
N PRO D 57 -14.49 -4.76 10.68
CA PRO D 57 -13.78 -4.16 9.53
C PRO D 57 -12.42 -3.71 10.01
N VAL D 58 -11.57 -4.66 10.37
CA VAL D 58 -10.17 -4.40 10.65
C VAL D 58 -9.46 -5.54 9.92
N ASN D 59 -8.59 -5.21 8.95
CA ASN D 59 -8.03 -6.24 8.08
C ASN D 59 -7.08 -7.21 8.77
N GLU D 60 -6.54 -8.16 8.01
CA GLU D 60 -5.63 -9.17 8.55
C GLU D 60 -4.31 -8.54 8.99
N ARG D 61 -4.04 -7.33 8.49
CA ARG D 61 -2.85 -6.58 8.85
C ARG D 61 -3.13 -5.59 9.99
N GLY D 62 -4.34 -5.71 10.57
CA GLY D 62 -4.79 -4.87 11.66
C GLY D 62 -4.65 -3.39 11.36
N ILE D 63 -5.03 -3.00 10.15
CA ILE D 63 -4.74 -1.65 9.69
C ILE D 63 -5.86 -1.02 8.84
N LYS D 64 -7.09 -1.47 9.07
CA LYS D 64 -8.22 -0.84 8.41
C LYS D 64 -8.60 0.45 9.12
N SER D 69 -14.27 2.37 0.36
CA SER D 69 -15.51 1.62 0.56
C SER D 69 -15.87 0.73 -0.65
N PRO D 70 -15.84 1.30 -1.88
CA PRO D 70 -16.07 0.42 -3.02
C PRO D 70 -14.95 -0.63 -3.19
N GLU D 71 -13.76 -0.33 -2.67
CA GLU D 71 -12.57 -1.17 -2.84
C GLU D 71 -12.65 -2.58 -2.23
N HIS D 72 -13.54 -2.78 -1.26
CA HIS D 72 -13.63 -4.09 -0.62
C HIS D 72 -15.01 -4.71 -0.79
N ARG D 73 -15.06 -6.04 -0.71
CA ARG D 73 -16.31 -6.77 -0.93
C ARG D 73 -17.22 -6.62 0.29
N ASN D 74 -18.53 -6.59 0.05
CA ASN D 74 -19.50 -6.56 1.16
C ASN D 74 -19.17 -5.37 2.04
N SER D 75 -19.24 -4.18 1.44
CA SER D 75 -18.82 -2.95 2.14
C SER D 75 -19.90 -2.47 3.11
N HIS D 76 -21.16 -2.55 2.71
CA HIS D 76 -22.23 -1.96 3.56
C HIS D 76 -22.92 -3.04 4.41
N PRO D 77 -22.51 -3.23 5.68
CA PRO D 77 -23.06 -4.26 6.58
C PRO D 77 -24.58 -4.23 6.67
N ASP D 78 -25.17 -3.04 6.66
CA ASP D 78 -26.63 -2.94 6.72
C ASP D 78 -27.25 -3.68 5.52
N ARG D 79 -26.62 -3.54 4.36
CA ARG D 79 -27.13 -4.11 3.12
C ARG D 79 -26.81 -5.61 3.02
N VAL D 80 -25.60 -5.97 3.44
CA VAL D 80 -25.22 -7.37 3.48
C VAL D 80 -26.18 -8.14 4.37
N SER D 81 -26.47 -7.55 5.51
CA SER D 81 -27.42 -8.12 6.45
C SER D 81 -28.79 -8.37 5.82
N LYS D 82 -29.33 -7.38 5.11
CA LYS D 82 -30.60 -7.55 4.40
C LYS D 82 -30.54 -8.75 3.47
N TYR D 83 -29.43 -8.88 2.74
CA TYR D 83 -29.28 -9.98 1.78
C TYR D 83 -29.14 -11.33 2.46
N LEU D 84 -28.44 -11.39 3.60
CA LEU D 84 -28.27 -12.65 4.32
C LEU D 84 -29.59 -13.08 4.95
N ASN D 85 -30.37 -12.13 5.39
CA ASN D 85 -31.65 -12.47 5.98
C ASN D 85 -32.59 -13.07 4.95
N MET D 86 -32.58 -12.48 3.76
CA MET D 86 -33.40 -12.95 2.64
C MET D 86 -32.93 -14.32 2.15
N ALA D 87 -31.62 -14.47 1.92
CA ALA D 87 -31.01 -15.71 1.42
C ALA D 87 -31.27 -16.93 2.33
N ASN D 88 -31.32 -16.70 3.64
CA ASN D 88 -31.63 -17.74 4.60
C ASN D 88 -33.10 -17.77 4.99
N ASP D 89 -33.90 -16.88 4.40
CA ASP D 89 -35.32 -16.78 4.77
C ASP D 89 -35.50 -16.73 6.31
N ASP D 90 -34.71 -15.90 6.97
CA ASP D 90 -34.69 -15.81 8.41
C ASP D 90 -34.43 -14.37 8.80
N LYS D 91 -35.47 -13.63 9.18
CA LYS D 91 -35.34 -12.21 9.53
C LYS D 91 -34.38 -11.97 10.67
N ASN D 92 -34.01 -13.04 11.38
CA ASN D 92 -33.15 -12.92 12.54
C ASN D 92 -31.77 -13.51 12.35
N PHE D 93 -31.35 -13.67 11.11
CA PHE D 93 -30.07 -14.29 10.83
C PHE D 93 -28.90 -13.33 11.05
N SER D 94 -29.09 -12.06 10.71
CA SER D 94 -28.01 -11.10 10.88
C SER D 94 -28.53 -9.70 11.13
N ARG D 95 -27.65 -8.85 11.64
CA ARG D 95 -27.90 -7.44 11.90
C ARG D 95 -26.59 -6.72 11.64
N SER D 96 -26.64 -5.47 11.19
CA SER D 96 -25.48 -4.60 11.39
C SER D 96 -25.62 -3.91 12.75
N ALA D 97 -24.50 -3.61 13.38
CA ALA D 97 -24.56 -3.03 14.70
C ALA D 97 -23.34 -2.16 14.94
N ILE D 98 -23.43 -1.32 15.96
CA ILE D 98 -22.34 -0.43 16.36
C ILE D 98 -21.57 -1.02 17.53
N MET D 99 -20.28 -1.22 17.36
CA MET D 99 -19.43 -1.74 18.43
C MET D 99 -18.44 -0.63 18.82
N ASN D 100 -18.07 -0.58 20.09
CA ASN D 100 -17.03 0.31 20.59
C ASN D 100 -15.73 -0.47 20.64
N ILE D 101 -14.80 -0.16 19.74
CA ILE D 101 -13.51 -0.84 19.70
C ILE D 101 -12.40 0.16 19.98
N ASN D 102 -11.70 -0.02 21.10
CA ASN D 102 -10.72 0.95 21.55
C ASN D 102 -11.26 2.39 21.57
N GLY D 103 -12.40 2.58 22.22
CA GLY D 103 -12.98 3.91 22.37
C GLY D 103 -13.53 4.52 21.09
N LYS D 104 -13.51 3.77 19.99
CA LYS D 104 -14.07 4.26 18.72
C LYS D 104 -15.29 3.44 18.26
N ASP D 105 -16.33 4.11 17.78
CA ASP D 105 -17.52 3.45 17.22
C ASP D 105 -17.23 2.89 15.83
N VAL D 106 -17.66 1.65 15.61
CA VAL D 106 -17.38 0.92 14.37
C VAL D 106 -18.61 0.09 13.99
N THR D 107 -19.02 0.17 12.73
CA THR D 107 -20.16 -0.60 12.27
C THR D 107 -19.72 -2.03 11.95
N VAL D 108 -20.40 -3.02 12.51
CA VAL D 108 -20.05 -4.42 12.25
C VAL D 108 -21.25 -5.25 11.80
N LEU D 109 -20.95 -6.47 11.34
CA LEU D 109 -21.97 -7.42 10.88
C LEU D 109 -22.06 -8.56 11.88
N VAL D 110 -23.25 -8.79 12.42
CA VAL D 110 -23.46 -9.90 13.34
C VAL D 110 -24.30 -10.92 12.63
N SER D 111 -23.90 -12.19 12.70
CA SER D 111 -24.58 -13.31 12.05
C SER D 111 -24.68 -14.52 12.97
N LYS D 112 -25.72 -15.33 12.77
CA LYS D 112 -25.78 -16.61 13.46
C LYS D 112 -24.54 -17.43 13.11
N TYR D 113 -23.97 -18.10 14.10
CA TYR D 113 -22.84 -18.96 13.83
C TYR D 113 -23.28 -20.29 13.22
N ILE D 114 -22.76 -20.61 12.04
CA ILE D 114 -23.12 -21.86 11.36
C ILE D 114 -21.95 -22.84 11.42
N GLN D 115 -22.08 -23.87 12.27
CA GLN D 115 -21.08 -24.91 12.35
C GLN D 115 -21.29 -25.95 11.24
N GLY D 116 -20.56 -25.78 10.15
CA GLY D 116 -20.72 -26.67 9.02
C GLY D 116 -19.53 -26.63 8.06
N GLN D 117 -19.73 -27.20 6.88
CA GLN D 117 -18.64 -27.37 5.94
C GLN D 117 -19.00 -26.59 4.71
N GLU D 118 -18.01 -26.10 3.97
CA GLU D 118 -18.29 -25.49 2.69
C GLU D 118 -19.02 -26.45 1.78
N PHE D 119 -20.01 -25.93 1.07
CA PHE D 119 -20.81 -26.74 0.18
C PHE D 119 -20.20 -26.62 -1.21
N ASP D 120 -19.76 -27.75 -1.75
CA ASP D 120 -19.05 -27.83 -3.03
C ASP D 120 -19.98 -27.55 -4.21
N VAL D 121 -19.94 -26.32 -4.68
CA VAL D 121 -20.84 -25.88 -5.73
C VAL D 121 -20.30 -26.26 -7.13
N GLU D 122 -19.12 -26.87 -7.17
CA GLU D 122 -18.57 -27.35 -8.44
C GLU D 122 -19.33 -28.57 -8.97
N ASP D 123 -19.81 -29.43 -8.07
CA ASP D 123 -20.73 -30.51 -8.44
C ASP D 123 -22.04 -29.92 -8.97
N GLU D 124 -22.50 -30.41 -10.10
CA GLU D 124 -23.66 -29.83 -10.78
C GLU D 124 -24.98 -30.00 -10.01
N ASP D 125 -25.17 -31.15 -9.37
CA ASP D 125 -26.37 -31.36 -8.59
C ASP D 125 -26.41 -30.44 -7.37
N ASN D 126 -25.24 -30.31 -6.73
CA ASN D 126 -25.09 -29.38 -5.63
C ASN D 126 -25.39 -27.97 -6.07
N TYR D 127 -24.84 -27.60 -7.23
CA TYR D 127 -25.05 -26.26 -7.75
C TYR D 127 -26.53 -25.96 -7.89
N ARG D 128 -27.27 -26.88 -8.48
CA ARG D 128 -28.69 -26.64 -8.75
C ARG D 128 -29.53 -26.73 -7.48
N MET D 129 -29.08 -27.52 -6.53
CA MET D 129 -29.79 -27.56 -5.26
C MET D 129 -29.75 -26.15 -4.63
N ALA D 130 -28.56 -25.60 -4.53
CA ALA D 130 -28.36 -24.25 -3.97
C ALA D 130 -29.08 -23.18 -4.79
N GLU D 131 -29.00 -23.27 -6.11
CA GLU D 131 -29.66 -22.29 -7.00
C GLU D 131 -31.17 -22.31 -6.79
N ALA D 132 -31.75 -23.50 -6.82
CA ALA D 132 -33.20 -23.66 -6.66
C ALA D 132 -33.70 -23.14 -5.31
N LEU D 133 -32.91 -23.35 -4.26
CA LEU D 133 -33.30 -22.92 -2.92
C LEU D 133 -33.31 -21.39 -2.81
N LEU D 134 -32.23 -20.78 -3.28
CA LEU D 134 -32.13 -19.32 -3.30
C LEU D 134 -33.23 -18.68 -4.14
N LYS D 135 -33.53 -19.27 -5.29
CA LYS D 135 -34.57 -18.71 -6.15
C LYS D 135 -35.94 -18.73 -5.48
N SER D 136 -36.23 -19.79 -4.73
CA SER D 136 -37.49 -19.85 -3.99
C SER D 136 -37.54 -18.78 -2.91
N ARG D 137 -36.38 -18.16 -2.64
CA ARG D 137 -36.30 -17.14 -1.61
C ARG D 137 -36.10 -15.72 -2.19
N GLY D 138 -36.15 -15.58 -3.51
CA GLY D 138 -36.02 -14.29 -4.13
C GLY D 138 -34.58 -13.88 -4.38
N VAL D 139 -33.68 -14.85 -4.33
CA VAL D 139 -32.25 -14.57 -4.53
C VAL D 139 -31.71 -15.29 -5.77
N TYR D 140 -30.97 -14.59 -6.62
CA TYR D 140 -30.45 -15.20 -7.85
C TYR D 140 -28.94 -15.40 -7.75
N MET D 141 -28.53 -16.64 -7.91
CA MET D 141 -27.16 -17.04 -7.61
C MET D 141 -26.33 -16.96 -8.87
N HIS D 142 -25.06 -16.55 -8.74
CA HIS D 142 -24.10 -16.72 -9.81
C HIS D 142 -22.78 -17.14 -9.22
N ASP D 143 -22.18 -18.13 -9.86
CA ASP D 143 -20.86 -18.58 -9.51
C ASP D 143 -19.87 -17.46 -9.81
N ILE D 144 -18.71 -17.53 -9.17
CA ILE D 144 -17.65 -16.59 -9.45
C ILE D 144 -16.45 -17.36 -9.98
N ASN D 145 -16.15 -17.16 -11.26
CA ASN D 145 -15.01 -17.86 -11.85
C ASN D 145 -13.71 -17.21 -11.44
N ILE D 146 -13.64 -15.89 -11.56
CA ILE D 146 -12.47 -15.14 -11.08
C ILE D 146 -12.88 -13.72 -10.75
N LEU D 147 -11.95 -12.97 -10.15
CA LEU D 147 -12.10 -11.52 -9.99
C LEU D 147 -11.14 -10.78 -10.93
N GLY D 148 -11.51 -9.57 -11.36
CA GLY D 148 -10.68 -8.82 -12.28
C GLY D 148 -10.67 -7.31 -12.06
N ASN D 149 -9.80 -6.61 -12.79
CA ASN D 149 -9.78 -5.15 -12.80
C ASN D 149 -10.10 -4.68 -14.21
N ILE D 150 -10.72 -3.52 -14.34
CA ILE D 150 -10.98 -2.99 -15.66
C ILE D 150 -10.04 -1.84 -15.99
N LEU D 151 -9.35 -1.96 -17.12
CA LEU D 151 -8.47 -0.89 -17.62
C LEU D 151 -9.02 -0.33 -18.92
N VAL D 152 -8.82 0.96 -19.11
CA VAL D 152 -9.24 1.58 -20.36
C VAL D 152 -8.01 2.18 -21.02
N LYS D 153 -7.84 1.89 -22.31
CA LYS D 153 -6.71 2.38 -23.07
C LYS D 153 -7.22 2.86 -24.40
N GLU D 154 -7.20 4.17 -24.60
CA GLU D 154 -7.65 4.77 -25.85
C GLU D 154 -9.08 4.36 -26.17
N GLY D 155 -9.96 4.41 -25.17
CA GLY D 155 -11.38 4.11 -25.37
C GLY D 155 -11.76 2.65 -25.28
N VAL D 156 -10.76 1.78 -25.22
CA VAL D 156 -11.00 0.34 -25.26
C VAL D 156 -10.81 -0.31 -23.87
N LEU D 157 -11.75 -1.16 -23.47
CA LEU D 157 -11.71 -1.78 -22.14
C LEU D 157 -10.89 -3.06 -22.15
N PHE D 158 -10.02 -3.22 -21.17
CA PHE D 158 -9.29 -4.49 -20.99
C PHE D 158 -9.49 -5.04 -19.57
N PHE D 159 -9.42 -6.37 -19.45
CA PHE D 159 -9.69 -7.07 -18.19
C PHE D 159 -8.47 -7.84 -17.75
N VAL D 160 -7.89 -7.39 -16.64
CA VAL D 160 -6.66 -7.98 -16.11
C VAL D 160 -6.92 -8.63 -14.75
N ASP D 161 -5.96 -9.43 -14.30
CA ASP D 161 -6.02 -10.06 -12.99
C ASP D 161 -6.10 -9.01 -11.87
N GLY D 162 -7.12 -9.14 -11.02
CA GLY D 162 -7.29 -8.25 -9.88
C GLY D 162 -8.42 -8.64 -8.93
N ASP D 163 -9.11 -7.63 -8.39
CA ASP D 163 -10.11 -7.88 -7.36
C ASP D 163 -11.27 -6.87 -7.27
N GLN D 164 -11.57 -6.16 -8.34
CA GLN D 164 -12.61 -5.13 -8.29
C GLN D 164 -13.98 -5.61 -8.79
N ILE D 165 -14.00 -6.63 -9.65
CA ILE D 165 -15.27 -7.10 -10.17
C ILE D 165 -15.26 -8.60 -10.35
N VAL D 166 -16.43 -9.23 -10.29
CA VAL D 166 -16.47 -10.66 -10.56
C VAL D 166 -16.66 -10.88 -12.05
N LEU D 167 -15.97 -11.89 -12.55
CA LEU D 167 -16.16 -12.31 -13.90
C LEU D 167 -16.54 -13.79 -13.93
N SER D 168 -17.71 -14.09 -14.47
CA SER D 168 -18.10 -15.49 -14.66
C SER D 168 -18.66 -15.78 -16.03
N GLN D 169 -18.44 -17.02 -16.48
CA GLN D 169 -18.98 -17.52 -17.73
C GLN D 169 -20.51 -17.48 -17.72
N GLU D 170 -21.08 -17.29 -18.90
CA GLU D 170 -22.53 -17.34 -19.16
C GLU D 170 -23.40 -16.67 -18.13
P AMP E . 6.74 7.47 -7.56
O1P AMP E . 5.49 7.04 -6.84
O2P AMP E . 7.49 8.58 -6.83
O3P AMP E . 7.63 6.31 -7.93
O5' AMP E . 6.24 8.13 -8.93
C5' AMP E . 6.91 9.32 -9.43
C4' AMP E . 7.56 8.98 -10.75
O4' AMP E . 7.80 10.20 -11.50
C3' AMP E . 8.92 8.27 -10.65
O3' AMP E . 9.03 7.26 -11.64
C2' AMP E . 9.91 9.42 -10.92
O2' AMP E . 11.16 8.97 -11.39
C1' AMP E . 9.13 10.19 -11.98
N9 AMP E . 9.59 11.55 -12.16
C8 AMP E . 9.55 12.56 -11.23
N7 AMP E . 10.04 13.69 -11.68
C5 AMP E . 10.41 13.41 -13.00
C6 AMP E . 10.99 14.20 -14.01
N6 AMP E . 11.30 15.48 -13.86
N1 AMP E . 11.23 13.60 -15.19
C2 AMP E . 10.91 12.31 -15.34
N3 AMP E . 10.37 11.47 -14.47
C4 AMP E . 10.14 12.09 -13.29
MG MG F . 10.82 12.46 11.29
P AMP G . 6.86 11.91 12.15
O1P AMP G . 6.89 13.39 12.46
O2P AMP G . 8.12 11.41 11.50
O3P AMP G . 5.62 11.48 11.40
O5' AMP G . 6.75 11.13 13.56
C5' AMP G . 7.95 10.71 14.26
C4' AMP G . 8.09 11.55 15.50
O4' AMP G . 8.65 10.76 16.58
C3' AMP G . 9.02 12.77 15.38
O3' AMP G . 8.42 13.89 16.02
C2' AMP G . 10.27 12.33 16.13
O2' AMP G . 11.03 13.42 16.60
C1' AMP G . 9.62 11.53 17.25
N9 AMP G . 10.53 10.67 17.98
C8 AMP G . 11.29 9.64 17.49
N7 AMP G . 12.02 9.05 18.39
C5 AMP G . 11.72 9.72 19.56
C6 AMP G . 12.17 9.57 20.89
N6 AMP G . 13.05 8.65 21.27
N1 AMP G . 11.67 10.41 21.82
C2 AMP G . 10.78 11.34 21.43
N3 AMP G . 10.29 11.57 20.22
C4 AMP G . 10.80 10.72 19.32
MG MG H . 8.94 5.83 -6.76
P AMP I . -1.00 -5.08 -7.11
O1P AMP I . -2.01 -4.32 -6.30
O2P AMP I . -0.90 -6.54 -6.71
O3P AMP I . 0.34 -4.40 -7.18
O5' AMP I . -1.57 -5.10 -8.62
C5' AMP I . -0.65 -5.32 -9.72
C4' AMP I . -0.76 -4.17 -10.69
O4' AMP I . -0.51 -4.66 -12.04
C3' AMP I . -2.12 -3.47 -10.75
O3' AMP I . -1.95 -2.07 -10.92
C2' AMP I . -2.77 -4.10 -11.99
O2' AMP I . -3.78 -3.29 -12.54
C1' AMP I . -1.55 -4.21 -12.88
N9 AMP I . -1.68 -5.17 -13.97
C8 AMP I . -1.97 -6.51 -13.85
N7 AMP I . -2.03 -7.12 -15.00
C5 AMP I . -1.77 -6.14 -15.94
C6 AMP I . -1.69 -6.17 -17.34
N6 AMP I . -1.88 -7.26 -18.07
N1 AMP I . -1.41 -5.00 -17.97
C2 AMP I . -1.22 -3.91 -17.24
N3 AMP I . -1.28 -3.76 -15.91
C4 AMP I . -1.55 -4.93 -15.32
MG MG J . -14.70 -15.83 2.83
P AMP K . -12.04 -16.18 5.86
O1P AMP K . -11.37 -17.20 6.73
O2P AMP K . -11.12 -15.05 5.50
O3P AMP K . -12.74 -16.74 4.65
O5' AMP K . -13.30 -15.66 6.71
C5' AMP K . -13.61 -16.32 7.97
C4' AMP K . -14.47 -17.54 7.74
O4' AMP K . -15.67 -17.42 8.55
C3' AMP K . -14.93 -17.83 6.30
O3' AMP K . -14.50 -19.11 5.87
C2' AMP K . -16.47 -17.80 6.38
O2' AMP K . -17.07 -18.80 5.59
C1' AMP K . -16.73 -18.05 7.86
N9 AMP K . -17.98 -17.46 8.34
C8 AMP K . -18.46 -16.21 8.02
N7 AMP K . -19.61 -15.96 8.56
C5 AMP K . -19.92 -17.10 9.29
C6 AMP K . -21.02 -17.45 10.09
N6 AMP K . -22.06 -16.65 10.31
N1 AMP K . -21.00 -18.68 10.67
C2 AMP K . -19.96 -19.47 10.44
N3 AMP K . -18.88 -19.25 9.70
C4 AMP K . -18.92 -18.03 9.15
MG MG L . -11.39 -18.62 3.58
MG MG M . -4.15 -3.28 -8.17
#